data_8EP7
#
_entry.id   8EP7
#
_cell.length_a   126.575
_cell.length_b   131.860
_cell.length_c   132.614
_cell.angle_alpha   90.000
_cell.angle_beta   90.000
_cell.angle_gamma   90.000
#
_symmetry.space_group_name_H-M   'I 2 2 2'
#
loop_
_entity.id
_entity.type
_entity.pdbx_description
1 polymer 'Ketol-acid reductoisomerase (NADP(+)) 2'
2 non-polymer 'NADP NICOTINAMIDE-ADENINE-DINUCLEOTIDE PHOSPHATE'
3 non-polymer 'ACETIC ACID'
4 non-polymer 'SULFATE ION'
5 water water
#
_entity_poly.entity_id   1
_entity_poly.type   'polypeptide(L)'
_entity_poly.pdbx_seq_one_letter_code
;(MSE)KTYYEQDANVGLLQGKTVAVIGYGSQGHAQAQNLRDSGVEVVVGVRPGKSFEVAKADGFEV(MSE)SVSEAVRTA
QVVQ(MSE)LLPDEQQAHVYKAEVEENLREGQ(MSE)LLFSHGFNIHFGQINPPSYVDVA(MSE)VAPKSPGHLVRRVFQ
EGNGVPALVAVHQDATGTALHVALAYAKGVGCTRAGVIETTFQEETETDLFGEQAVLCGGVTALVKAGFETLTEGGYRPE
IAYFECLHELKLIVDL(MSE)YEGGLTN(MSE)RHSISDTAEFGDYVTGSRIVTDETKKE(MSE)KRVLTEIQQGEFAKK
WILENQAGRPTYNA(MSE)KKAEQNHQLEKVGEELRE(MSE)(MSE)SWIHAPKELVKK
;
_entity_poly.pdbx_strand_id   A,B,C
#
# COMPACT_ATOMS: atom_id res chain seq x y z
N LYS A 2 33.19 20.82 -9.01
CA LYS A 2 32.80 21.83 -10.00
C LYS A 2 31.68 22.73 -9.47
N THR A 3 32.04 23.98 -9.19
CA THR A 3 31.16 24.95 -8.54
C THR A 3 30.97 26.15 -9.47
N TYR A 4 29.75 26.34 -9.96
CA TYR A 4 29.43 27.54 -10.72
C TYR A 4 29.26 28.72 -9.79
N TYR A 5 29.77 29.87 -10.19
CA TYR A 5 29.75 31.08 -9.37
C TYR A 5 29.08 32.21 -10.14
N GLU A 6 29.10 33.40 -9.52
CA GLU A 6 28.42 34.56 -10.09
C GLU A 6 28.91 34.86 -11.50
N GLN A 7 30.20 34.64 -11.75
CA GLN A 7 30.77 34.85 -13.08
C GLN A 7 30.35 33.77 -14.08
N ASP A 8 29.78 32.66 -13.61
CA ASP A 8 29.33 31.58 -14.49
C ASP A 8 27.88 31.75 -14.93
N ALA A 9 27.16 32.74 -14.38
CA ALA A 9 25.74 32.91 -14.65
C ALA A 9 25.43 34.35 -14.97
N ASN A 10 24.36 34.55 -15.75
CA ASN A 10 23.86 35.88 -16.09
C ASN A 10 22.35 35.77 -16.27
N VAL A 11 21.60 36.48 -15.41
CA VAL A 11 20.15 36.44 -15.44
C VAL A 11 19.58 36.98 -16.75
N GLY A 12 20.41 37.58 -17.60
CA GLY A 12 19.91 38.13 -18.86
C GLY A 12 19.16 37.14 -19.72
N LEU A 13 19.43 35.85 -19.53
CA LEU A 13 18.63 34.80 -20.16
C LEU A 13 17.19 34.79 -19.66
N LEU A 14 16.88 35.57 -18.63
CA LEU A 14 15.52 35.70 -18.12
C LEU A 14 14.90 37.05 -18.42
N GLN A 15 15.66 38.01 -18.98
CA GLN A 15 15.10 39.29 -19.37
C GLN A 15 13.96 39.08 -20.36
N GLY A 16 12.75 39.45 -19.94
CA GLY A 16 11.57 39.17 -20.73
C GLY A 16 11.03 37.76 -20.59
N LYS A 17 11.57 36.97 -19.66
CA LYS A 17 11.13 35.61 -19.42
C LYS A 17 10.38 35.54 -18.09
N THR A 18 9.17 34.98 -18.14
CA THR A 18 8.33 34.84 -16.95
C THR A 18 8.67 33.54 -16.24
N VAL A 19 9.03 33.65 -14.96
CA VAL A 19 9.23 32.49 -14.09
C VAL A 19 7.93 32.28 -13.32
N ALA A 20 7.28 31.15 -13.56
CA ALA A 20 6.09 30.77 -12.81
C ALA A 20 6.55 29.99 -11.58
N VAL A 21 6.36 30.58 -10.41
CA VAL A 21 6.59 29.87 -9.16
C VAL A 21 5.27 29.18 -8.78
N ILE A 22 5.27 27.85 -8.83
CA ILE A 22 4.08 27.06 -8.53
C ILE A 22 4.17 26.66 -7.06
N GLY A 23 3.21 27.13 -6.28
CA GLY A 23 3.32 27.03 -4.83
C GLY A 23 3.97 28.26 -4.24
N TYR A 24 3.61 28.55 -2.98
CA TYR A 24 4.06 29.76 -2.32
C TYR A 24 4.19 29.49 -0.83
N GLY A 25 5.07 28.56 -0.47
CA GLY A 25 5.26 28.18 0.93
C GLY A 25 6.66 28.45 1.46
N SER A 26 7.23 27.48 2.16
CA SER A 26 8.56 27.66 2.77
C SER A 26 9.58 28.09 1.73
N GLN A 27 9.61 27.42 0.57
CA GLN A 27 10.51 27.79 -0.52
C GLN A 27 9.86 28.74 -1.51
N GLY A 28 8.57 28.58 -1.78
CA GLY A 28 7.92 29.40 -2.79
C GLY A 28 7.98 30.88 -2.48
N HIS A 29 7.74 31.25 -1.21
CA HIS A 29 7.71 32.67 -0.87
C HIS A 29 9.08 33.31 -0.96
N ALA A 30 10.12 32.62 -0.49
CA ALA A 30 11.46 33.22 -0.46
C ALA A 30 12.03 33.34 -1.86
N GLN A 31 11.99 32.26 -2.64
CA GLN A 31 12.58 32.28 -3.98
C GLN A 31 11.84 33.27 -4.89
N ALA A 32 10.52 33.36 -4.75
CA ALA A 32 9.76 34.31 -5.56
C ALA A 32 10.12 35.75 -5.19
N GLN A 33 10.35 36.01 -3.91
CA GLN A 33 10.80 37.33 -3.50
C GLN A 33 12.29 37.52 -3.73
N ASN A 34 13.06 36.42 -3.74
CA ASN A 34 14.48 36.52 -4.07
C ASN A 34 14.69 36.82 -5.54
N LEU A 35 13.90 36.19 -6.42
CA LEU A 35 13.91 36.59 -7.82
C LEU A 35 13.35 38.00 -8.00
N ARG A 36 12.37 38.39 -7.18
CA ARG A 36 11.69 39.67 -7.34
C ARG A 36 12.68 40.83 -7.38
N ASP A 37 13.53 40.94 -6.36
CA ASP A 37 14.48 42.05 -6.29
C ASP A 37 15.39 42.09 -7.51
N SER A 38 15.88 40.93 -7.94
CA SER A 38 16.81 40.83 -9.06
C SER A 38 16.14 40.99 -10.40
N GLY A 39 15.11 41.83 -10.50
CA GLY A 39 14.48 42.12 -11.77
C GLY A 39 13.89 40.93 -12.50
N VAL A 40 13.60 39.85 -11.78
CA VAL A 40 13.00 38.66 -12.38
C VAL A 40 11.48 38.83 -12.37
N GLU A 41 10.88 38.79 -13.55
CA GLU A 41 9.42 38.83 -13.68
C GLU A 41 8.85 37.51 -13.18
N VAL A 42 8.15 37.55 -12.06
CA VAL A 42 7.65 36.37 -11.37
C VAL A 42 6.12 36.38 -11.40
N VAL A 43 5.53 35.24 -11.74
CA VAL A 43 4.10 35.01 -11.61
C VAL A 43 3.92 33.77 -10.73
N VAL A 44 3.03 33.87 -9.75
CA VAL A 44 2.81 32.79 -8.80
C VAL A 44 1.58 32.00 -9.21
N GLY A 45 1.73 30.68 -9.33
CA GLY A 45 0.60 29.82 -9.61
C GLY A 45 0.29 28.93 -8.42
N VAL A 46 -0.82 29.21 -7.74
CA VAL A 46 -1.17 28.47 -6.53
C VAL A 46 -2.68 28.37 -6.45
N ARG A 47 -3.15 27.27 -5.86
CA ARG A 47 -4.56 27.11 -5.60
C ARG A 47 -5.04 28.20 -4.64
N PRO A 48 -6.32 28.55 -4.69
CA PRO A 48 -6.86 29.53 -3.73
C PRO A 48 -6.67 29.05 -2.29
N GLY A 49 -6.51 30.00 -1.39
CA GLY A 49 -6.29 29.71 0.01
C GLY A 49 -5.40 30.75 0.63
N LYS A 50 -4.74 30.35 1.73
CA LYS A 50 -3.88 31.28 2.44
C LYS A 50 -2.64 31.61 1.62
N SER A 51 -2.07 30.64 0.90
CA SER A 51 -0.96 30.94 0.00
C SER A 51 -1.38 31.87 -1.12
N PHE A 52 -2.62 31.75 -1.57
CA PHE A 52 -3.11 32.58 -2.67
C PHE A 52 -3.20 34.04 -2.25
N GLU A 53 -3.75 34.31 -1.07
CA GLU A 53 -3.93 35.69 -0.64
C GLU A 53 -2.67 36.28 -0.01
N VAL A 54 -1.80 35.44 0.58
CA VAL A 54 -0.52 35.94 1.09
C VAL A 54 0.38 36.35 -0.06
N ALA A 55 0.36 35.60 -1.17
CA ALA A 55 1.12 36.00 -2.34
C ALA A 55 0.51 37.24 -3.00
N LYS A 56 -0.82 37.38 -2.91
CA LYS A 56 -1.48 38.58 -3.43
C LYS A 56 -1.07 39.82 -2.64
N ALA A 57 -1.14 39.74 -1.31
CA ALA A 57 -0.72 40.86 -0.47
C ALA A 57 0.78 41.12 -0.55
N ASP A 58 1.56 40.14 -1.04
CA ASP A 58 2.97 40.35 -1.35
C ASP A 58 3.16 41.07 -2.69
N GLY A 59 2.09 41.49 -3.34
CA GLY A 59 2.17 42.28 -4.55
C GLY A 59 2.36 41.52 -5.84
N PHE A 60 2.16 40.21 -5.84
CA PHE A 60 2.40 39.39 -7.02
C PHE A 60 1.16 39.30 -7.89
N GLU A 61 1.27 38.55 -8.98
CA GLU A 61 0.17 38.25 -9.91
C GLU A 61 -0.21 36.79 -9.69
N VAL A 62 -1.02 36.54 -8.65
CA VAL A 62 -1.37 35.19 -8.26
C VAL A 62 -2.47 34.67 -9.17
N SER A 64 -4.06 30.67 -11.18
CA SER A 64 -4.13 29.22 -11.03
C SER A 64 -2.86 28.59 -11.60
N VAL A 65 -2.65 27.32 -11.22
CA VAL A 65 -1.46 26.61 -11.70
C VAL A 65 -1.53 26.43 -13.22
N SER A 66 -2.73 26.18 -13.74
CA SER A 66 -2.91 26.05 -15.19
C SER A 66 -2.49 27.33 -15.91
N GLU A 67 -3.08 28.46 -15.53
CA GLU A 67 -2.76 29.72 -16.21
C GLU A 67 -1.30 30.11 -16.03
N ALA A 68 -0.69 29.72 -14.90
CA ALA A 68 0.71 30.05 -14.68
C ALA A 68 1.62 29.31 -15.65
N VAL A 69 1.34 28.03 -15.89
CA VAL A 69 2.15 27.26 -16.83
C VAL A 69 1.93 27.78 -18.25
N ARG A 70 0.71 28.21 -18.58
CA ARG A 70 0.41 28.64 -19.94
C ARG A 70 1.13 29.92 -20.31
N THR A 71 1.37 30.82 -19.35
CA THR A 71 1.92 32.12 -19.64
C THR A 71 3.38 32.28 -19.24
N ALA A 72 4.04 31.19 -18.85
CA ALA A 72 5.43 31.26 -18.40
C ALA A 72 6.33 30.38 -19.26
N GLN A 73 7.64 30.66 -19.17
CA GLN A 73 8.65 29.84 -19.80
C GLN A 73 9.48 29.05 -18.80
N VAL A 74 9.39 29.38 -17.51
CA VAL A 74 10.11 28.66 -16.47
C VAL A 74 9.09 28.29 -15.39
N VAL A 75 8.79 27.00 -15.26
CA VAL A 75 7.84 26.50 -14.29
C VAL A 75 8.63 25.91 -13.14
N GLN A 76 8.56 26.54 -11.97
CA GLN A 76 9.30 26.13 -10.79
C GLN A 76 8.36 25.45 -9.81
N LEU A 78 7.22 24.15 -6.59
CA LEU A 78 7.46 24.35 -5.16
C LEU A 78 6.22 24.01 -4.35
N LEU A 79 5.50 22.97 -4.76
CA LEU A 79 4.47 22.34 -3.96
C LEU A 79 5.12 21.30 -3.07
N PRO A 80 4.39 20.76 -2.08
CA PRO A 80 4.92 19.62 -1.33
C PRO A 80 5.24 18.48 -2.27
N ASP A 81 6.33 17.75 -1.97
CA ASP A 81 6.76 16.66 -2.83
C ASP A 81 5.62 15.70 -3.12
N GLU A 82 4.77 15.46 -2.11
CA GLU A 82 3.68 14.49 -2.20
C GLU A 82 2.46 15.02 -2.94
N GLN A 83 2.40 16.31 -3.26
CA GLN A 83 1.31 16.86 -4.05
C GLN A 83 1.70 17.18 -5.49
N GLN A 84 2.99 17.13 -5.82
CA GLN A 84 3.45 17.59 -7.12
C GLN A 84 2.95 16.72 -8.26
N ALA A 85 2.82 15.40 -8.06
CA ALA A 85 2.41 14.54 -9.17
C ALA A 85 0.92 14.70 -9.47
N HIS A 86 0.09 14.87 -8.44
CA HIS A 86 -1.33 15.10 -8.64
C HIS A 86 -1.57 16.40 -9.39
N VAL A 87 -0.94 17.48 -8.94
CA VAL A 87 -1.09 18.78 -9.60
C VAL A 87 -0.47 18.77 -10.99
N TYR A 88 0.63 18.04 -11.18
CA TYR A 88 1.30 18.03 -12.48
C TYR A 88 0.38 17.49 -13.56
N LYS A 89 -0.04 16.23 -13.43
CA LYS A 89 -0.81 15.60 -14.50
C LYS A 89 -2.14 16.31 -14.73
N ALA A 90 -2.72 16.90 -13.70
CA ALA A 90 -4.02 17.54 -13.81
C ALA A 90 -3.95 19.01 -14.19
N GLU A 91 -2.79 19.67 -14.05
CA GLU A 91 -2.73 21.10 -14.34
C GLU A 91 -1.50 21.57 -15.10
N VAL A 92 -0.37 20.87 -15.06
CA VAL A 92 0.84 21.31 -15.73
C VAL A 92 1.01 20.66 -17.09
N GLU A 93 0.94 19.32 -17.13
CA GLU A 93 1.38 18.55 -18.28
C GLU A 93 0.78 19.04 -19.59
N GLU A 94 -0.55 19.18 -19.62
CA GLU A 94 -1.24 19.57 -20.84
C GLU A 94 -0.93 20.99 -21.27
N ASN A 95 -0.32 21.81 -20.41
CA ASN A 95 0.01 23.19 -20.75
C ASN A 95 1.49 23.41 -21.04
N LEU A 96 2.32 22.37 -20.90
CA LEU A 96 3.73 22.50 -21.21
C LEU A 96 3.92 22.67 -22.71
N ARG A 97 4.76 23.64 -23.10
CA ARG A 97 5.11 23.89 -24.49
C ARG A 97 6.61 23.71 -24.68
N GLU A 98 7.06 23.91 -25.91
CA GLU A 98 8.44 23.61 -26.30
C GLU A 98 9.40 24.67 -25.79
N GLY A 99 10.53 24.22 -25.23
CA GLY A 99 11.54 25.11 -24.71
C GLY A 99 11.31 25.60 -23.29
N GLN A 100 10.15 25.32 -22.71
CA GLN A 100 9.93 25.65 -21.31
C GLN A 100 10.91 24.91 -20.42
N LEU A 102 11.23 23.09 -16.84
CA LEU A 102 10.53 22.51 -15.70
C LEU A 102 11.54 22.35 -14.56
N LEU A 103 11.44 23.22 -13.57
CA LEU A 103 12.42 23.35 -12.50
C LEU A 103 11.89 22.72 -11.22
N PHE A 104 12.80 22.12 -10.44
CA PHE A 104 12.50 21.63 -9.11
C PHE A 104 13.57 22.13 -8.14
N SER A 105 13.23 22.16 -6.86
CA SER A 105 14.24 22.37 -5.81
C SER A 105 14.48 21.13 -4.99
N HIS A 106 13.84 20.01 -5.32
CA HIS A 106 14.17 18.71 -4.77
C HIS A 106 13.82 17.67 -5.84
N GLY A 107 14.70 16.70 -6.02
CA GLY A 107 14.61 15.76 -7.12
C GLY A 107 13.74 14.54 -6.88
N PHE A 108 12.95 14.50 -5.81
CA PHE A 108 12.20 13.30 -5.44
C PHE A 108 11.28 12.83 -6.57
N ASN A 109 10.43 13.72 -7.07
CA ASN A 109 9.38 13.31 -8.01
C ASN A 109 9.95 12.91 -9.37
N ILE A 110 11.08 13.49 -9.78
CA ILE A 110 11.70 13.06 -11.03
C ILE A 110 12.46 11.76 -10.83
N HIS A 111 13.27 11.67 -9.76
CA HIS A 111 14.14 10.51 -9.58
C HIS A 111 13.35 9.24 -9.29
N PHE A 112 12.24 9.33 -8.55
CA PHE A 112 11.40 8.19 -8.25
C PHE A 112 10.20 8.09 -9.21
N GLY A 113 10.33 8.63 -10.41
CA GLY A 113 9.36 8.39 -11.46
C GLY A 113 7.93 8.79 -11.16
N GLN A 114 7.73 9.80 -10.32
CA GLN A 114 6.39 10.33 -10.04
C GLN A 114 5.97 11.39 -11.03
N ILE A 115 6.92 12.05 -11.70
CA ILE A 115 6.65 13.01 -12.74
C ILE A 115 7.48 12.60 -13.95
N ASN A 116 6.82 12.35 -15.08
CA ASN A 116 7.47 11.91 -16.30
C ASN A 116 7.33 13.01 -17.34
N PRO A 117 8.27 13.96 -17.39
CA PRO A 117 8.07 15.13 -18.23
C PRO A 117 8.17 14.79 -19.70
N PRO A 118 7.49 15.53 -20.57
CA PRO A 118 7.64 15.31 -22.01
C PRO A 118 9.01 15.79 -22.48
N SER A 119 9.34 15.40 -23.72
CA SER A 119 10.71 15.54 -24.21
C SER A 119 11.06 16.96 -24.63
N TYR A 120 10.07 17.82 -24.85
CA TYR A 120 10.30 19.14 -25.41
C TYR A 120 10.46 20.23 -24.34
N VAL A 121 10.74 19.84 -23.09
CA VAL A 121 11.01 20.79 -22.02
C VAL A 121 12.34 20.45 -21.39
N ASP A 122 13.01 21.47 -20.87
CA ASP A 122 14.18 21.25 -20.03
C ASP A 122 13.73 20.87 -18.63
N VAL A 123 14.42 19.91 -18.03
CA VAL A 123 14.18 19.51 -16.65
C VAL A 123 15.49 19.72 -15.90
N ALA A 124 15.46 20.60 -14.89
CA ALA A 124 16.65 20.90 -14.12
C ALA A 124 16.23 21.12 -12.66
N VAL A 126 17.45 23.40 -8.92
CA VAL A 126 18.25 24.27 -8.07
C VAL A 126 17.78 24.00 -6.65
N ALA A 127 18.57 23.25 -5.88
CA ALA A 127 18.17 22.83 -4.54
C ALA A 127 18.92 23.64 -3.49
N PRO A 128 18.32 24.70 -2.95
CA PRO A 128 19.01 25.48 -1.91
C PRO A 128 19.14 24.68 -0.61
N LYS A 129 20.22 24.92 0.10
CA LYS A 129 20.52 24.14 1.30
C LYS A 129 19.94 24.73 2.57
N SER A 130 19.57 26.02 2.56
CA SER A 130 18.97 26.74 3.67
C SER A 130 17.48 26.94 3.42
N PRO A 131 16.65 26.88 4.48
CA PRO A 131 15.21 27.08 4.30
C PRO A 131 14.89 28.49 3.82
N GLY A 132 13.63 28.68 3.44
CA GLY A 132 13.18 29.88 2.77
C GLY A 132 13.62 31.21 3.35
N HIS A 133 13.06 31.59 4.51
CA HIS A 133 13.33 32.85 5.18
C HIS A 133 14.80 33.27 5.11
N LEU A 134 15.70 32.30 5.23
CA LEU A 134 17.13 32.61 5.11
C LEU A 134 17.51 32.98 3.68
N VAL A 135 17.02 32.21 2.70
CA VAL A 135 17.25 32.56 1.29
C VAL A 135 16.74 33.96 1.00
N ARG A 136 15.65 34.36 1.64
CA ARG A 136 15.06 35.68 1.40
C ARG A 136 15.99 36.79 1.91
N ARG A 137 16.30 36.77 3.21
CA ARG A 137 17.01 37.89 3.82
C ARG A 137 18.48 37.91 3.42
N VAL A 138 19.07 36.76 3.13
CA VAL A 138 20.47 36.73 2.66
C VAL A 138 20.58 37.45 1.32
N PHE A 139 19.60 37.23 0.44
CA PHE A 139 19.63 37.89 -0.87
C PHE A 139 19.36 39.39 -0.74
N GLN A 140 18.51 39.79 0.20
CA GLN A 140 18.20 41.21 0.39
C GLN A 140 19.42 42.03 0.77
N GLU A 141 20.54 41.40 1.09
CA GLU A 141 21.77 42.10 1.45
C GLU A 141 22.93 41.68 0.56
N PRO A 146 24.07 29.04 -0.58
CA PRO A 146 24.45 27.80 -1.27
C PRO A 146 23.27 27.11 -1.96
N ALA A 147 23.56 26.21 -2.88
CA ALA A 147 22.56 25.42 -3.56
C ALA A 147 23.26 24.38 -4.42
N LEU A 148 22.52 23.33 -4.77
CA LEU A 148 22.97 22.35 -5.74
C LEU A 148 22.23 22.56 -7.05
N VAL A 149 22.90 22.24 -8.16
CA VAL A 149 22.29 22.35 -9.49
C VAL A 149 22.42 21.01 -10.20
N ALA A 150 21.31 20.51 -10.72
CA ALA A 150 21.32 19.28 -11.49
C ALA A 150 20.47 19.48 -12.74
N VAL A 151 20.96 18.93 -13.86
CA VAL A 151 20.25 19.02 -15.13
C VAL A 151 19.84 17.61 -15.52
N HIS A 152 18.54 17.34 -15.47
CA HIS A 152 18.02 16.02 -15.78
C HIS A 152 17.84 15.83 -17.28
N GLN A 153 17.32 16.84 -17.97
CA GLN A 153 17.00 16.74 -19.39
C GLN A 153 17.28 18.09 -20.03
N ASP A 154 18.15 18.10 -21.02
CA ASP A 154 18.53 19.33 -21.73
C ASP A 154 17.98 19.21 -23.14
N ALA A 155 16.94 20.00 -23.44
CA ALA A 155 16.37 20.06 -24.78
C ALA A 155 16.74 21.31 -25.54
N THR A 156 17.13 22.38 -24.84
CA THR A 156 17.49 23.64 -25.50
C THR A 156 18.99 23.87 -25.57
N GLY A 157 19.80 23.03 -24.93
CA GLY A 157 21.23 23.25 -24.87
C GLY A 157 21.66 24.31 -23.90
N THR A 158 20.72 24.95 -23.19
CA THR A 158 21.04 25.99 -22.21
C THR A 158 20.44 25.70 -20.84
N ALA A 159 19.87 24.50 -20.64
CA ALA A 159 19.22 24.18 -19.37
C ALA A 159 20.17 24.42 -18.19
N LEU A 160 21.45 24.10 -18.37
CA LEU A 160 22.42 24.36 -17.31
C LEU A 160 22.60 25.86 -17.09
N HIS A 161 22.63 26.64 -18.16
CA HIS A 161 22.82 28.08 -18.04
C HIS A 161 21.52 28.83 -17.76
N VAL A 162 20.37 28.25 -18.16
CA VAL A 162 19.10 28.81 -17.72
C VAL A 162 18.89 28.54 -16.23
N ALA A 163 19.26 27.35 -15.77
CA ALA A 163 19.12 27.01 -14.35
C ALA A 163 20.08 27.83 -13.49
N LEU A 164 21.24 28.18 -14.02
CA LEU A 164 22.16 29.07 -13.31
C LEU A 164 21.68 30.51 -13.35
N ALA A 165 20.83 30.87 -14.31
CA ALA A 165 20.18 32.17 -14.30
C ALA A 165 19.10 32.24 -13.22
N TYR A 166 18.46 31.10 -12.92
CA TYR A 166 17.59 31.03 -11.74
C TYR A 166 18.44 30.99 -10.47
N ALA A 167 19.57 30.29 -10.50
CA ALA A 167 20.50 30.34 -9.39
C ALA A 167 20.99 31.76 -9.16
N LYS A 168 21.38 32.44 -10.24
CA LYS A 168 21.77 33.84 -10.12
C LYS A 168 20.56 34.71 -9.75
N GLY A 169 19.39 34.39 -10.29
CA GLY A 169 18.19 35.16 -9.98
C GLY A 169 17.80 35.06 -8.52
N VAL A 170 17.83 33.86 -7.96
CA VAL A 170 17.63 33.69 -6.52
C VAL A 170 18.87 34.14 -5.77
N GLY A 171 20.03 34.14 -6.41
CA GLY A 171 21.25 34.63 -5.81
C GLY A 171 22.13 33.59 -5.18
N CYS A 172 22.06 32.33 -5.64
CA CYS A 172 22.89 31.28 -5.07
C CYS A 172 24.29 31.26 -5.66
N THR A 173 24.48 31.81 -6.87
CA THR A 173 25.80 31.90 -7.46
C THR A 173 26.72 32.82 -6.66
N ARG A 174 26.15 33.70 -5.83
CA ARG A 174 26.93 34.51 -4.90
C ARG A 174 27.75 33.62 -4.00
N ALA A 175 27.08 32.85 -3.14
CA ALA A 175 27.78 31.90 -2.28
C ALA A 175 28.46 30.81 -3.11
N GLY A 176 27.73 30.23 -4.05
CA GLY A 176 28.27 29.19 -4.91
C GLY A 176 27.33 28.00 -5.07
N VAL A 177 27.37 27.37 -6.24
CA VAL A 177 26.47 26.28 -6.59
C VAL A 177 27.31 25.08 -7.03
N ILE A 178 27.08 23.92 -6.42
CA ILE A 178 27.78 22.69 -6.78
C ILE A 178 26.87 21.83 -7.67
N GLU A 179 27.44 21.29 -8.74
CA GLU A 179 26.67 20.53 -9.71
C GLU A 179 26.54 19.07 -9.26
N THR A 180 25.32 18.54 -9.33
CA THR A 180 25.07 17.15 -8.97
C THR A 180 24.07 16.59 -9.97
N THR A 181 23.50 15.44 -9.64
CA THR A 181 22.46 14.82 -10.44
C THR A 181 21.17 14.75 -9.63
N PHE A 182 20.07 14.39 -10.30
CA PHE A 182 18.80 14.26 -9.58
C PHE A 182 18.86 13.12 -8.57
N GLN A 183 19.46 11.98 -8.97
CA GLN A 183 19.60 10.83 -8.09
C GLN A 183 20.44 11.17 -6.86
N GLU A 184 21.58 11.82 -7.05
CA GLU A 184 22.48 12.06 -5.93
C GLU A 184 21.90 13.06 -4.95
N GLU A 185 21.24 14.11 -5.46
CA GLU A 185 20.57 15.07 -4.58
C GLU A 185 19.45 14.39 -3.80
N THR A 186 18.60 13.63 -4.49
CA THR A 186 17.49 12.96 -3.83
C THR A 186 17.98 12.02 -2.74
N GLU A 187 18.97 11.19 -3.06
CA GLU A 187 19.38 10.13 -2.14
C GLU A 187 20.04 10.70 -0.88
N THR A 188 20.89 11.72 -1.04
CA THR A 188 21.61 12.27 0.11
C THR A 188 20.77 13.27 0.89
N ASP A 189 19.89 14.02 0.22
CA ASP A 189 18.97 14.90 0.94
C ASP A 189 18.09 14.08 1.88
N LEU A 190 17.57 12.95 1.39
CA LEU A 190 16.72 12.12 2.22
C LEU A 190 17.52 11.47 3.34
N PHE A 191 18.72 10.97 3.04
CA PHE A 191 19.49 10.27 4.04
C PHE A 191 19.92 11.22 5.16
N GLY A 192 20.28 12.45 4.81
CA GLY A 192 20.77 13.38 5.83
C GLY A 192 19.71 13.72 6.86
N GLU A 193 18.50 14.04 6.40
CA GLU A 193 17.44 14.43 7.33
C GLU A 193 16.91 13.23 8.11
N GLN A 194 17.01 12.03 7.55
CA GLN A 194 16.53 10.87 8.28
C GLN A 194 17.55 10.41 9.32
N ALA A 195 18.79 10.19 8.90
CA ALA A 195 19.76 9.56 9.79
C ALA A 195 20.45 10.55 10.72
N VAL A 196 20.58 11.81 10.32
CA VAL A 196 21.39 12.76 11.07
C VAL A 196 20.58 13.98 11.52
N LEU A 197 20.28 14.88 10.58
CA LEU A 197 19.80 16.21 10.92
C LEU A 197 18.51 16.18 11.72
N CYS A 198 17.51 15.45 11.25
CA CYS A 198 16.18 15.53 11.83
C CYS A 198 15.79 14.29 12.61
N GLY A 199 16.01 13.10 12.05
CA GLY A 199 15.64 11.88 12.76
C GLY A 199 16.62 11.54 13.87
N GLY A 200 17.92 11.58 13.56
CA GLY A 200 18.90 11.19 14.56
C GLY A 200 18.96 12.16 15.73
N VAL A 201 19.00 13.45 15.43
CA VAL A 201 19.26 14.46 16.46
C VAL A 201 18.09 14.57 17.42
N THR A 202 16.86 14.64 16.89
CA THR A 202 15.69 14.71 17.76
C THR A 202 15.59 13.45 18.62
N ALA A 203 15.87 12.28 18.05
CA ALA A 203 15.88 11.07 18.84
C ALA A 203 16.99 11.09 19.89
N LEU A 204 18.13 11.71 19.56
CA LEU A 204 19.25 11.78 20.50
C LEU A 204 18.96 12.79 21.61
N VAL A 205 18.37 13.93 21.25
CA VAL A 205 17.98 14.92 22.25
C VAL A 205 16.91 14.35 23.19
N LYS A 206 15.92 13.67 22.63
CA LYS A 206 14.86 13.09 23.45
C LYS A 206 15.41 12.01 24.39
N ALA A 207 16.29 11.16 23.88
CA ALA A 207 16.86 10.09 24.71
C ALA A 207 17.66 10.66 25.87
N GLY A 208 18.45 11.70 25.62
CA GLY A 208 19.18 12.34 26.71
C GLY A 208 18.25 12.95 27.73
N PHE A 209 17.27 13.73 27.25
CA PHE A 209 16.29 14.35 28.12
C PHE A 209 15.61 13.33 29.01
N GLU A 210 15.16 12.21 28.40
CA GLU A 210 14.44 11.19 29.16
C GLU A 210 15.35 10.48 30.15
N THR A 211 16.62 10.27 29.79
CA THR A 211 17.55 9.68 30.75
C THR A 211 17.67 10.55 32.00
N LEU A 212 17.67 11.87 31.82
CA LEU A 212 17.78 12.76 32.97
C LEU A 212 16.49 12.82 33.76
N THR A 213 15.34 12.94 33.08
CA THR A 213 14.07 12.99 33.81
C THR A 213 13.80 11.67 34.52
N GLU A 214 14.05 10.54 33.86
CA GLU A 214 13.95 9.25 34.52
C GLU A 214 14.98 9.10 35.62
N GLY A 215 16.07 9.86 35.57
CA GLY A 215 17.08 9.82 36.60
C GLY A 215 16.76 10.63 37.83
N GLY A 216 15.58 11.24 37.88
CA GLY A 216 15.17 12.06 38.99
C GLY A 216 15.48 13.54 38.86
N TYR A 217 16.11 13.96 37.77
CA TYR A 217 16.52 15.35 37.62
C TYR A 217 15.34 16.21 37.16
N ARG A 218 15.43 17.49 37.47
CA ARG A 218 14.36 18.43 37.16
C ARG A 218 14.14 18.49 35.65
N PRO A 219 12.89 18.42 35.18
CA PRO A 219 12.66 18.49 33.73
C PRO A 219 13.15 19.78 33.11
N GLU A 220 13.05 20.89 33.84
CA GLU A 220 13.50 22.17 33.30
C GLU A 220 15.01 22.20 33.16
N ILE A 221 15.73 21.54 34.07
CA ILE A 221 17.19 21.47 33.97
C ILE A 221 17.58 20.63 32.76
N ALA A 222 16.89 19.51 32.54
CA ALA A 222 17.22 18.64 31.42
C ALA A 222 17.00 19.36 30.10
N TYR A 223 16.03 20.28 30.06
CA TYR A 223 15.75 21.01 28.82
C TYR A 223 16.95 21.85 28.39
N PHE A 224 17.67 22.44 29.36
CA PHE A 224 18.77 23.33 29.04
C PHE A 224 19.96 22.56 28.46
N GLU A 225 20.41 21.52 29.15
CA GLU A 225 21.62 20.81 28.77
C GLU A 225 21.41 19.82 27.63
N CYS A 226 20.17 19.50 27.27
CA CYS A 226 19.92 18.53 26.20
C CYS A 226 19.41 19.17 24.91
N LEU A 227 18.53 20.16 24.99
CA LEU A 227 17.98 20.83 23.81
C LEU A 227 18.44 22.27 23.67
N HIS A 228 18.34 23.07 24.73
CA HIS A 228 18.56 24.51 24.59
C HIS A 228 20.02 24.83 24.33
N GLU A 229 20.95 24.15 24.99
CA GLU A 229 22.36 24.40 24.74
C GLU A 229 22.81 23.91 23.38
N LEU A 230 21.99 23.11 22.69
CA LEU A 230 22.42 22.53 21.42
C LEU A 230 22.64 23.60 20.35
N LYS A 231 21.77 24.61 20.27
CA LYS A 231 21.95 25.68 19.29
C LYS A 231 23.33 26.30 19.40
N LEU A 232 23.75 26.62 20.64
CA LEU A 232 25.07 27.21 20.85
C LEU A 232 26.18 26.24 20.50
N ILE A 233 25.92 24.95 20.60
CA ILE A 233 26.92 23.94 20.27
C ILE A 233 27.08 23.83 18.76
N VAL A 234 25.97 23.86 18.03
CA VAL A 234 26.01 23.64 16.60
C VAL A 234 26.46 24.91 15.86
N ASP A 235 26.13 26.09 16.40
CA ASP A 235 26.59 27.34 15.80
C ASP A 235 28.10 27.33 15.64
N LEU A 236 28.83 26.90 16.68
CA LEU A 236 30.27 26.83 16.61
C LEU A 236 30.73 25.82 15.57
N TYR A 238 29.19 25.08 12.80
CA TYR A 238 29.01 25.68 11.48
C TYR A 238 30.20 26.56 11.10
N GLU A 239 30.65 27.42 12.03
CA GLU A 239 31.67 28.41 11.72
C GLU A 239 33.02 27.76 11.40
N GLY A 240 33.36 26.66 12.07
CA GLY A 240 34.68 26.09 11.92
C GLY A 240 34.77 24.60 12.12
N GLY A 241 33.69 23.88 11.88
CA GLY A 241 33.68 22.44 12.03
C GLY A 241 33.62 22.00 13.48
N LEU A 242 33.88 20.70 13.69
CA LEU A 242 33.97 20.15 15.04
C LEU A 242 35.12 20.77 15.82
N THR A 243 36.20 21.13 15.13
CA THR A 243 37.39 21.66 15.80
C THR A 243 37.06 22.95 16.58
N ASN A 244 36.33 23.86 15.94
CA ASN A 244 36.01 25.14 16.60
C ASN A 244 35.14 24.93 17.82
N ARG A 246 34.91 22.27 19.55
CA ARG A 246 35.73 21.57 20.53
C ARG A 246 36.53 22.55 21.38
N HIS A 247 36.87 23.71 20.82
CA HIS A 247 37.75 24.64 21.51
C HIS A 247 37.02 25.61 22.42
N SER A 248 35.79 25.99 22.07
CA SER A 248 35.04 26.88 22.96
C SER A 248 34.64 26.18 24.24
N ILE A 249 34.39 24.86 24.18
CA ILE A 249 33.94 24.12 25.34
C ILE A 249 35.14 23.71 26.19
N SER A 250 34.86 23.45 27.47
CA SER A 250 35.90 23.11 28.43
C SER A 250 36.59 21.82 28.00
N ASP A 251 37.86 21.69 28.39
CA ASP A 251 38.57 20.43 28.17
C ASP A 251 37.85 19.28 28.86
N THR A 252 37.13 19.56 29.96
CA THR A 252 36.30 18.55 30.59
C THR A 252 35.19 18.09 29.65
N ALA A 253 34.66 19.03 28.85
CA ALA A 253 33.60 18.69 27.90
C ALA A 253 34.17 17.96 26.69
N GLU A 254 35.27 18.47 26.14
CA GLU A 254 35.87 17.85 24.97
C GLU A 254 36.34 16.43 25.26
N PHE A 255 36.87 16.18 26.46
CA PHE A 255 37.28 14.83 26.81
C PHE A 255 36.09 13.91 26.97
N GLY A 256 34.97 14.42 27.49
CA GLY A 256 33.76 13.63 27.54
C GLY A 256 33.29 13.26 26.15
N ASP A 257 33.28 14.23 25.24
CA ASP A 257 32.97 13.99 23.82
C ASP A 257 33.72 12.75 23.31
N TYR A 258 35.05 12.77 23.45
CA TYR A 258 35.87 11.72 22.86
C TYR A 258 35.55 10.35 23.44
N VAL A 259 35.38 10.26 24.77
CA VAL A 259 35.17 8.95 25.39
C VAL A 259 33.73 8.48 25.37
N THR A 260 32.78 9.35 25.00
CA THR A 260 31.36 9.00 25.02
C THR A 260 30.71 8.90 23.64
N GLY A 261 31.20 9.63 22.64
CA GLY A 261 30.58 9.57 21.32
C GLY A 261 30.54 8.15 20.78
N SER A 262 31.67 7.45 20.84
CA SER A 262 31.74 6.08 20.36
C SER A 262 30.83 5.13 21.15
N ARG A 263 30.46 5.47 22.38
CA ARG A 263 29.51 4.63 23.11
C ARG A 263 28.08 4.82 22.64
N ILE A 264 27.74 6.04 22.20
CA ILE A 264 26.37 6.35 21.81
C ILE A 264 26.07 5.90 20.38
N VAL A 265 27.04 6.08 19.49
CA VAL A 265 26.87 5.78 18.06
C VAL A 265 27.86 4.68 17.73
N THR A 266 27.39 3.44 17.70
CA THR A 266 28.23 2.26 17.62
C THR A 266 28.41 1.80 16.17
N ASP A 267 29.19 0.73 15.98
CA ASP A 267 29.24 0.05 14.68
C ASP A 267 27.86 -0.40 14.25
N GLU A 268 27.00 -0.72 15.23
CA GLU A 268 25.64 -1.14 14.95
C GLU A 268 24.78 0.03 14.48
N THR A 269 25.01 1.22 15.04
CA THR A 269 24.33 2.40 14.51
C THR A 269 24.75 2.67 13.08
N LYS A 270 26.04 2.46 12.77
CA LYS A 270 26.51 2.67 11.40
C LYS A 270 25.88 1.67 10.44
N LYS A 271 25.74 0.40 10.88
CA LYS A 271 25.09 -0.60 10.05
C LYS A 271 23.64 -0.23 9.78
N GLU A 272 22.94 0.31 10.79
CA GLU A 272 21.56 0.72 10.59
C GLU A 272 21.45 1.91 9.64
N LYS A 274 23.40 2.45 7.09
CA LYS A 274 23.57 1.87 5.78
C LYS A 274 22.29 1.18 5.30
N ARG A 275 21.48 0.65 6.23
CA ARG A 275 20.18 0.12 5.86
C ARG A 275 19.21 1.24 5.51
N VAL A 276 19.24 2.34 6.27
CA VAL A 276 18.45 3.51 5.91
C VAL A 276 18.80 3.97 4.50
N LEU A 277 20.10 4.11 4.23
CA LEU A 277 20.54 4.56 2.92
C LEU A 277 20.09 3.59 1.84
N THR A 278 20.28 2.29 2.08
CA THR A 278 19.91 1.28 1.10
C THR A 278 18.43 1.32 0.78
N GLU A 279 17.58 1.54 1.79
CA GLU A 279 16.15 1.63 1.53
C GLU A 279 15.80 2.89 0.77
N ILE A 280 16.58 3.95 0.92
CA ILE A 280 16.38 5.14 0.11
C ILE A 280 16.74 4.86 -1.34
N GLN A 281 17.88 4.18 -1.55
CA GLN A 281 18.34 3.92 -2.91
C GLN A 281 17.41 2.99 -3.67
N GLN A 282 16.75 2.07 -2.97
CA GLN A 282 15.89 1.08 -3.61
C GLN A 282 14.44 1.55 -3.72
N GLY A 283 14.17 2.84 -3.51
CA GLY A 283 12.83 3.35 -3.59
C GLY A 283 11.90 2.90 -2.49
N GLU A 284 12.42 2.17 -1.50
CA GLU A 284 11.56 1.60 -0.46
C GLU A 284 11.01 2.68 0.46
N PHE A 285 11.81 3.68 0.82
CA PHE A 285 11.26 4.79 1.57
C PHE A 285 10.26 5.57 0.74
N ALA A 286 10.61 5.86 -0.51
CA ALA A 286 9.70 6.57 -1.40
C ALA A 286 8.35 5.87 -1.44
N LYS A 287 8.36 4.55 -1.63
CA LYS A 287 7.10 3.79 -1.63
C LYS A 287 6.36 3.99 -0.32
N LYS A 288 7.08 3.88 0.80
CA LYS A 288 6.47 4.04 2.11
C LYS A 288 5.79 5.40 2.24
N TRP A 289 6.48 6.47 1.83
CA TRP A 289 5.92 7.82 1.95
C TRP A 289 4.79 8.04 0.95
N ILE A 290 4.91 7.47 -0.26
CA ILE A 290 3.87 7.60 -1.28
C ILE A 290 2.60 6.89 -0.84
N LEU A 291 2.72 5.64 -0.42
CA LEU A 291 1.54 4.91 0.07
C LEU A 291 1.02 5.52 1.37
N GLU A 292 1.91 6.06 2.20
CA GLU A 292 1.47 6.77 3.40
C GLU A 292 0.47 7.86 3.04
N ASN A 293 0.82 8.67 2.03
CA ASN A 293 -0.07 9.74 1.60
C ASN A 293 -1.31 9.19 0.92
N GLN A 294 -1.19 8.09 0.18
CA GLN A 294 -2.37 7.49 -0.43
C GLN A 294 -3.35 6.98 0.61
N ALA A 295 -2.86 6.60 1.79
CA ALA A 295 -3.71 6.04 2.84
C ALA A 295 -4.40 7.10 3.71
N GLY A 296 -4.11 8.38 3.48
CA GLY A 296 -4.66 9.42 4.33
C GLY A 296 -3.81 9.75 5.53
N ARG A 297 -2.50 9.50 5.46
CA ARG A 297 -1.52 9.77 6.50
C ARG A 297 -1.89 9.22 7.88
N PRO A 298 -2.38 7.99 8.01
CA PRO A 298 -2.76 7.53 9.35
C PRO A 298 -1.58 7.45 10.30
N THR A 299 -0.38 7.27 9.74
CA THR A 299 0.86 7.08 10.46
C THR A 299 1.58 8.40 10.72
N TYR A 300 1.58 9.30 9.72
CA TYR A 300 2.22 10.60 9.87
C TYR A 300 1.51 11.46 10.91
N ASN A 301 0.17 11.45 10.90
CA ASN A 301 -0.59 12.31 11.80
C ASN A 301 -0.42 11.86 13.25
N ALA A 302 -0.53 10.55 13.49
CA ALA A 302 -0.40 10.03 14.85
C ALA A 302 0.97 10.36 15.43
N LYS A 304 3.11 12.59 14.50
CA LYS A 304 3.26 14.03 14.65
C LYS A 304 2.66 14.52 15.96
N LYS A 305 1.48 14.00 16.31
CA LYS A 305 0.83 14.41 17.55
C LYS A 305 1.58 13.92 18.78
N ALA A 306 2.17 12.73 18.71
CA ALA A 306 2.94 12.22 19.84
C ALA A 306 4.17 13.07 20.09
N GLU A 307 4.91 13.41 19.02
CA GLU A 307 6.11 14.23 19.16
C GLU A 307 5.81 15.59 19.77
N GLN A 308 4.63 16.15 19.47
CA GLN A 308 4.23 17.45 20.03
C GLN A 308 3.72 17.34 21.46
N ASN A 309 3.38 16.14 21.92
CA ASN A 309 2.93 15.92 23.29
C ASN A 309 4.06 15.46 24.21
N HIS A 310 5.30 15.47 23.74
CA HIS A 310 6.41 15.05 24.58
C HIS A 310 6.72 16.10 25.62
N GLN A 311 7.25 15.65 26.75
CA GLN A 311 7.55 16.57 27.86
C GLN A 311 8.60 17.60 27.44
N LEU A 312 9.57 17.18 26.64
CA LEU A 312 10.60 18.09 26.13
C LEU A 312 9.97 19.29 25.43
N GLU A 313 8.95 19.05 24.60
CA GLU A 313 8.25 20.15 23.95
C GLU A 313 7.34 20.90 24.91
N LYS A 314 6.76 20.19 25.87
CA LYS A 314 5.88 20.81 26.86
C LYS A 314 6.66 21.71 27.81
N VAL A 315 7.69 21.17 28.46
CA VAL A 315 8.53 21.98 29.34
C VAL A 315 9.25 23.07 28.55
N GLY A 316 9.49 22.83 27.26
CA GLY A 316 10.13 23.84 26.43
C GLY A 316 9.33 25.12 26.27
N GLU A 317 8.02 25.06 26.48
CA GLU A 317 7.17 26.24 26.33
C GLU A 317 7.58 27.34 27.31
N GLU A 318 7.37 27.10 28.61
CA GLU A 318 7.63 28.14 29.61
C GLU A 318 9.07 28.64 29.50
N LEU A 319 10.02 27.71 29.37
CA LEU A 319 11.44 28.07 29.38
C LEU A 319 11.75 29.12 28.33
N ARG A 320 11.21 28.96 27.12
CA ARG A 320 11.53 29.91 26.05
C ARG A 320 10.78 31.23 26.22
N GLU A 321 9.63 31.22 26.88
CA GLU A 321 8.80 32.43 27.00
C GLU A 321 9.57 33.58 27.64
N LYS B 2 -15.95 8.85 35.12
CA LYS B 2 -17.22 9.50 34.81
C LYS B 2 -18.16 8.49 34.16
N THR B 3 -19.25 8.15 34.83
CA THR B 3 -20.19 7.13 34.36
C THR B 3 -21.61 7.71 34.37
N TYR B 4 -22.21 7.80 33.17
CA TYR B 4 -23.58 8.26 33.02
C TYR B 4 -24.52 7.06 32.89
N TYR B 5 -25.67 7.16 33.55
CA TYR B 5 -26.66 6.08 33.55
C TYR B 5 -27.91 6.53 32.79
N GLU B 6 -29.02 5.82 33.00
CA GLU B 6 -30.29 6.27 32.46
C GLU B 6 -30.80 7.52 33.20
N GLN B 7 -30.44 7.66 34.47
CA GLN B 7 -30.91 8.77 35.29
C GLN B 7 -30.22 10.09 34.97
N ASP B 8 -29.12 10.07 34.21
CA ASP B 8 -28.31 11.26 34.00
C ASP B 8 -28.50 11.91 32.64
N ALA B 9 -29.13 11.22 31.69
CA ALA B 9 -29.33 11.73 30.34
C ALA B 9 -30.82 11.85 30.05
N ASN B 10 -31.21 12.98 29.47
CA ASN B 10 -32.60 13.23 29.11
C ASN B 10 -32.83 12.87 27.64
N VAL B 11 -34.11 12.79 27.26
CA VAL B 11 -34.50 12.69 25.87
C VAL B 11 -35.37 13.85 25.41
N GLY B 12 -35.76 14.74 26.33
CA GLY B 12 -36.58 15.89 25.96
C GLY B 12 -35.92 16.83 24.96
N LEU B 13 -34.60 16.76 24.83
CA LEU B 13 -33.90 17.54 23.82
C LEU B 13 -33.71 16.77 22.51
N LEU B 14 -34.08 15.49 22.47
CA LEU B 14 -34.03 14.72 21.23
C LEU B 14 -35.38 14.69 20.52
N GLN B 15 -36.42 15.23 21.12
CA GLN B 15 -37.71 15.30 20.44
C GLN B 15 -37.68 16.35 19.34
N GLY B 16 -38.47 16.10 18.28
CA GLY B 16 -38.48 16.97 17.14
C GLY B 16 -37.10 17.09 16.53
N LYS B 17 -36.44 15.94 16.37
CA LYS B 17 -35.05 15.91 15.91
C LYS B 17 -34.85 14.57 15.20
N THR B 18 -35.00 14.58 13.88
CA THR B 18 -34.94 13.34 13.12
C THR B 18 -33.50 12.82 13.04
N VAL B 19 -33.36 11.50 13.17
CA VAL B 19 -32.06 10.83 13.14
C VAL B 19 -31.92 10.11 11.81
N ALA B 20 -30.77 10.30 11.15
CA ALA B 20 -30.48 9.65 9.89
C ALA B 20 -29.46 8.53 10.14
N VAL B 21 -29.92 7.29 10.07
CA VAL B 21 -29.05 6.13 10.24
C VAL B 21 -28.52 5.76 8.86
N ILE B 22 -27.30 6.22 8.56
CA ILE B 22 -26.67 5.93 7.28
C ILE B 22 -25.96 4.59 7.39
N GLY B 23 -26.25 3.71 6.44
CA GLY B 23 -25.81 2.34 6.54
C GLY B 23 -26.82 1.53 7.32
N TYR B 24 -27.09 0.30 6.87
CA TYR B 24 -28.01 -0.60 7.56
C TYR B 24 -27.39 -2.00 7.60
N GLY B 25 -26.21 -2.07 8.20
CA GLY B 25 -25.47 -3.32 8.31
C GLY B 25 -25.48 -3.86 9.72
N SER B 26 -24.31 -4.25 10.22
CA SER B 26 -24.24 -4.82 11.56
C SER B 26 -24.69 -3.80 12.60
N GLN B 27 -24.10 -2.62 12.62
CA GLN B 27 -24.58 -1.58 13.52
C GLN B 27 -25.87 -0.96 13.00
N GLY B 28 -25.98 -0.80 11.68
CA GLY B 28 -27.14 -0.17 11.08
C GLY B 28 -28.47 -0.78 11.48
N HIS B 29 -28.62 -2.10 11.26
CA HIS B 29 -29.88 -2.76 11.60
C HIS B 29 -30.13 -2.73 13.11
N ALA B 30 -29.06 -2.81 13.90
CA ALA B 30 -29.21 -2.86 15.35
C ALA B 30 -29.68 -1.53 15.91
N GLN B 31 -28.86 -0.49 15.76
CA GLN B 31 -29.19 0.81 16.34
C GLN B 31 -30.53 1.33 15.84
N ALA B 32 -30.77 1.21 14.53
CA ALA B 32 -32.00 1.78 13.96
C ALA B 32 -33.24 1.16 14.59
N GLN B 33 -33.23 -0.15 14.81
CA GLN B 33 -34.37 -0.79 15.46
C GLN B 33 -34.34 -0.58 16.97
N ASN B 34 -33.15 -0.57 17.58
CA ASN B 34 -33.04 -0.17 18.97
C ASN B 34 -33.54 1.26 19.17
N LEU B 35 -33.12 2.18 18.30
CA LEU B 35 -33.58 3.56 18.37
C LEU B 35 -35.07 3.66 18.16
N ARG B 36 -35.59 2.99 17.13
CA ARG B 36 -37.01 3.10 16.82
C ARG B 36 -37.87 2.53 17.94
N ASP B 37 -37.38 1.53 18.67
CA ASP B 37 -38.09 0.99 19.81
C ASP B 37 -38.02 1.93 21.00
N SER B 38 -37.69 3.20 20.74
CA SER B 38 -37.65 4.24 21.76
C SER B 38 -38.41 5.49 21.34
N GLY B 39 -39.33 5.36 20.40
CA GLY B 39 -40.08 6.50 19.89
C GLY B 39 -39.23 7.53 19.18
N VAL B 40 -38.29 7.09 18.36
CA VAL B 40 -37.35 7.97 17.67
C VAL B 40 -37.59 7.88 16.17
N GLU B 41 -37.54 9.03 15.50
CA GLU B 41 -37.76 9.12 14.06
C GLU B 41 -36.47 8.79 13.34
N VAL B 42 -36.41 7.63 12.70
CA VAL B 42 -35.19 7.11 12.08
C VAL B 42 -35.46 6.89 10.60
N VAL B 43 -34.81 7.68 9.75
CA VAL B 43 -34.79 7.45 8.32
C VAL B 43 -33.47 6.75 7.97
N VAL B 44 -33.52 5.85 6.99
CA VAL B 44 -32.38 5.00 6.65
C VAL B 44 -31.79 5.48 5.34
N GLY B 45 -30.49 5.77 5.35
CA GLY B 45 -29.77 6.16 4.15
C GLY B 45 -28.77 5.10 3.73
N VAL B 46 -29.06 4.39 2.65
CA VAL B 46 -28.26 3.23 2.24
C VAL B 46 -28.30 3.14 0.73
N ARG B 47 -27.21 2.62 0.15
CA ARG B 47 -27.17 2.42 -1.30
C ARG B 47 -28.18 1.36 -1.70
N PRO B 48 -28.76 1.48 -2.90
CA PRO B 48 -29.54 0.38 -3.47
C PRO B 48 -28.78 -0.94 -3.37
N GLY B 49 -29.45 -1.96 -2.81
CA GLY B 49 -28.81 -3.23 -2.59
C GLY B 49 -29.63 -4.08 -1.64
N LYS B 50 -28.98 -5.12 -1.12
CA LYS B 50 -29.70 -6.12 -0.32
C LYS B 50 -30.18 -5.54 1.01
N SER B 51 -29.31 -4.81 1.72
CA SER B 51 -29.71 -4.16 2.97
C SER B 51 -30.54 -2.90 2.75
N PHE B 52 -30.67 -2.44 1.50
CA PHE B 52 -31.71 -1.47 1.17
C PHE B 52 -33.08 -2.13 1.19
N GLU B 53 -33.19 -3.31 0.58
CA GLU B 53 -34.44 -4.06 0.63
C GLU B 53 -34.73 -4.54 2.04
N VAL B 54 -33.71 -5.05 2.74
CA VAL B 54 -33.89 -5.50 4.12
C VAL B 54 -34.42 -4.35 4.99
N ALA B 55 -33.87 -3.14 4.78
CA ALA B 55 -34.33 -1.98 5.53
C ALA B 55 -35.78 -1.63 5.19
N LYS B 56 -36.15 -1.73 3.91
CA LYS B 56 -37.54 -1.51 3.54
C LYS B 56 -38.47 -2.47 4.27
N ALA B 57 -38.08 -3.74 4.38
CA ALA B 57 -38.92 -4.75 4.99
C ALA B 57 -39.05 -4.57 6.50
N ASP B 58 -38.17 -3.79 7.12
CA ASP B 58 -38.28 -3.48 8.53
C ASP B 58 -39.13 -2.24 8.80
N GLY B 59 -39.86 -1.76 7.80
CA GLY B 59 -40.79 -0.65 7.98
C GLY B 59 -40.14 0.69 8.23
N PHE B 60 -38.98 0.95 7.63
CA PHE B 60 -38.30 2.22 7.76
C PHE B 60 -38.48 3.05 6.49
N GLU B 61 -38.39 4.37 6.65
CA GLU B 61 -38.53 5.31 5.53
C GLU B 61 -37.16 5.44 4.86
N VAL B 62 -36.88 4.54 3.92
CA VAL B 62 -35.56 4.46 3.30
C VAL B 62 -35.39 5.58 2.28
N SER B 64 -31.72 7.54 -0.24
CA SER B 64 -30.29 7.53 -0.49
C SER B 64 -29.55 8.23 0.65
N VAL B 65 -28.22 8.06 0.67
CA VAL B 65 -27.42 8.65 1.73
C VAL B 65 -27.51 10.17 1.69
N SER B 66 -27.58 10.74 0.48
CA SER B 66 -27.65 12.19 0.33
C SER B 66 -28.99 12.73 0.86
N GLU B 67 -30.08 12.06 0.50
CA GLU B 67 -31.40 12.49 0.97
C GLU B 67 -31.51 12.35 2.48
N ALA B 68 -30.77 11.41 3.08
CA ALA B 68 -30.82 11.23 4.53
C ALA B 68 -30.23 12.42 5.27
N VAL B 69 -29.11 12.95 4.79
CA VAL B 69 -28.42 14.02 5.49
C VAL B 69 -29.16 15.35 5.32
N ARG B 70 -29.70 15.61 4.12
CA ARG B 70 -30.34 16.89 3.83
C ARG B 70 -31.54 17.18 4.72
N THR B 71 -32.17 16.15 5.29
CA THR B 71 -33.44 16.31 5.98
C THR B 71 -33.38 15.92 7.45
N ALA B 72 -32.18 15.65 7.98
CA ALA B 72 -32.04 15.18 9.35
C ALA B 72 -31.13 16.09 10.15
N GLN B 73 -31.29 16.02 11.49
CA GLN B 73 -30.52 16.84 12.42
C GLN B 73 -29.49 16.04 13.20
N VAL B 74 -29.48 14.71 13.05
CA VAL B 74 -28.47 13.84 13.62
C VAL B 74 -28.11 12.80 12.57
N VAL B 75 -26.85 12.79 12.13
CA VAL B 75 -26.40 11.94 11.04
C VAL B 75 -25.52 10.86 11.66
N GLN B 76 -26.06 9.65 11.78
CA GLN B 76 -25.37 8.50 12.37
C GLN B 76 -24.70 7.67 11.28
N LEU B 78 -23.15 4.39 10.06
CA LEU B 78 -23.11 2.95 10.31
C LEU B 78 -22.72 2.18 9.04
N LEU B 79 -21.78 2.75 8.28
CA LEU B 79 -21.15 2.12 7.12
C LEU B 79 -19.85 1.45 7.53
N PRO B 80 -19.28 0.62 6.65
CA PRO B 80 -17.93 0.10 6.93
C PRO B 80 -16.89 1.21 6.87
N ASP B 81 -15.89 1.10 7.74
CA ASP B 81 -14.92 2.18 7.94
C ASP B 81 -14.20 2.53 6.65
N GLU B 82 -13.74 1.50 5.92
CA GLU B 82 -13.04 1.73 4.66
C GLU B 82 -13.92 2.44 3.64
N GLN B 83 -15.23 2.28 3.74
CA GLN B 83 -16.16 2.91 2.81
C GLN B 83 -16.75 4.20 3.35
N GLN B 84 -16.71 4.43 4.67
CA GLN B 84 -17.29 5.65 5.24
C GLN B 84 -16.67 6.89 4.63
N ALA B 85 -15.34 6.89 4.46
CA ALA B 85 -14.67 8.07 3.93
C ALA B 85 -15.12 8.39 2.50
N HIS B 86 -15.23 7.35 1.66
CA HIS B 86 -15.66 7.58 0.29
C HIS B 86 -17.13 7.99 0.22
N VAL B 87 -17.97 7.40 1.06
CA VAL B 87 -19.39 7.74 1.04
C VAL B 87 -19.62 9.11 1.68
N TYR B 88 -18.85 9.43 2.72
CA TYR B 88 -18.97 10.75 3.35
C TYR B 88 -18.58 11.85 2.38
N LYS B 89 -17.42 11.72 1.75
CA LYS B 89 -16.96 12.76 0.84
C LYS B 89 -17.85 12.86 -0.39
N ALA B 90 -18.48 11.76 -0.79
CA ALA B 90 -19.29 11.75 -2.00
C ALA B 90 -20.74 12.15 -1.76
N GLU B 91 -21.32 11.85 -0.59
CA GLU B 91 -22.75 12.07 -0.39
C GLU B 91 -23.14 12.74 0.93
N VAL B 92 -22.21 12.96 1.84
CA VAL B 92 -22.55 13.48 3.17
C VAL B 92 -22.00 14.90 3.37
N GLU B 93 -20.79 15.17 2.89
CA GLU B 93 -20.12 16.43 3.22
C GLU B 93 -20.86 17.63 2.63
N GLU B 94 -21.28 17.52 1.37
CA GLU B 94 -21.95 18.64 0.69
C GLU B 94 -23.36 18.90 1.22
N ASN B 95 -23.91 18.00 2.03
CA ASN B 95 -25.26 18.16 2.57
C ASN B 95 -25.26 18.41 4.08
N LEU B 96 -24.10 18.44 4.72
CA LEU B 96 -24.03 18.83 6.13
C LEU B 96 -24.28 20.32 6.27
N ARG B 97 -24.85 20.70 7.42
CA ARG B 97 -25.17 22.10 7.66
C ARG B 97 -25.03 22.41 9.14
N GLU B 98 -24.90 23.70 9.44
CA GLU B 98 -24.62 24.16 10.79
C GLU B 98 -25.64 23.64 11.79
N GLY B 99 -25.16 23.25 12.96
CA GLY B 99 -26.00 22.76 14.03
C GLY B 99 -26.23 21.26 14.04
N GLN B 100 -25.97 20.59 12.92
CA GLN B 100 -26.19 19.16 12.84
C GLN B 100 -25.20 18.40 13.74
N LEU B 102 -23.06 15.16 13.61
CA LEU B 102 -22.51 14.04 12.85
C LEU B 102 -22.00 13.01 13.86
N LEU B 103 -22.71 11.90 13.97
CA LEU B 103 -22.49 10.91 15.02
C LEU B 103 -21.84 9.66 14.43
N PHE B 104 -21.11 8.93 15.27
CA PHE B 104 -20.47 7.68 14.90
C PHE B 104 -20.73 6.66 16.01
N SER B 105 -20.38 5.40 15.72
CA SER B 105 -20.40 4.34 16.71
C SER B 105 -19.03 3.72 16.91
N HIS B 106 -18.01 4.27 16.26
CA HIS B 106 -16.63 3.84 16.34
C HIS B 106 -15.80 4.96 15.75
N GLY B 107 -14.67 5.24 16.36
CA GLY B 107 -13.95 6.44 16.00
C GLY B 107 -12.85 6.27 14.98
N PHE B 108 -12.77 5.11 14.31
CA PHE B 108 -11.69 4.84 13.37
C PHE B 108 -11.50 5.98 12.37
N ASN B 109 -12.56 6.33 11.65
CA ASN B 109 -12.40 7.27 10.55
C ASN B 109 -12.12 8.69 11.02
N ILE B 110 -12.70 9.09 12.16
CA ILE B 110 -12.41 10.41 12.71
C ILE B 110 -11.00 10.43 13.30
N HIS B 111 -10.65 9.39 14.05
CA HIS B 111 -9.40 9.39 14.81
C HIS B 111 -8.20 9.30 13.88
N PHE B 112 -8.20 8.34 12.96
CA PHE B 112 -7.09 8.18 12.04
C PHE B 112 -7.13 9.15 10.88
N GLY B 113 -8.09 10.07 10.86
CA GLY B 113 -8.07 11.15 9.89
C GLY B 113 -8.50 10.76 8.50
N GLN B 114 -9.52 9.91 8.38
CA GLN B 114 -10.10 9.55 7.10
C GLN B 114 -11.38 10.32 6.81
N ILE B 115 -11.91 11.05 7.79
CA ILE B 115 -13.05 11.94 7.64
C ILE B 115 -12.72 13.22 8.39
N ASN B 116 -12.62 14.33 7.66
CA ASN B 116 -12.40 15.63 8.28
C ASN B 116 -13.70 16.41 8.26
N PRO B 117 -14.52 16.32 9.30
CA PRO B 117 -15.83 16.98 9.27
C PRO B 117 -15.68 18.48 9.42
N PRO B 118 -16.70 19.24 9.01
CA PRO B 118 -16.58 20.71 9.07
C PRO B 118 -16.60 21.20 10.52
N SER B 119 -16.33 22.49 10.66
CA SER B 119 -16.26 23.09 11.99
C SER B 119 -17.64 23.31 12.61
N TYR B 120 -18.69 23.40 11.80
CA TYR B 120 -20.00 23.85 12.25
C TYR B 120 -20.95 22.71 12.62
N VAL B 121 -20.48 21.47 12.69
CA VAL B 121 -21.29 20.33 13.09
C VAL B 121 -20.74 19.76 14.39
N ASP B 122 -21.64 19.25 15.23
CA ASP B 122 -21.22 18.42 16.34
C ASP B 122 -20.65 17.10 15.82
N VAL B 123 -19.69 16.55 16.55
CA VAL B 123 -19.09 15.25 16.20
C VAL B 123 -18.95 14.46 17.49
N ALA B 124 -19.76 13.43 17.66
CA ALA B 124 -19.75 12.62 18.87
C ALA B 124 -19.93 11.15 18.52
N VAL B 126 -21.67 7.27 20.33
CA VAL B 126 -22.21 6.37 21.34
C VAL B 126 -21.92 4.95 20.88
N ALA B 127 -21.36 4.14 21.77
CA ALA B 127 -20.85 2.81 21.39
C ALA B 127 -21.15 1.77 22.45
N PRO B 128 -22.24 1.00 22.30
CA PRO B 128 -22.36 -0.24 23.06
C PRO B 128 -21.43 -1.28 22.46
N LYS B 129 -20.22 -1.39 23.02
CA LYS B 129 -19.10 -2.07 22.36
C LYS B 129 -19.45 -3.43 21.76
N SER B 130 -20.59 -4.02 22.14
CA SER B 130 -21.00 -5.33 21.65
C SER B 130 -21.11 -5.32 20.12
N PRO B 131 -20.98 -6.50 19.48
CA PRO B 131 -21.22 -6.58 18.03
C PRO B 131 -22.61 -6.09 17.65
N GLY B 132 -22.79 -5.82 16.35
CA GLY B 132 -24.04 -5.27 15.86
C GLY B 132 -25.27 -6.11 16.15
N HIS B 133 -25.32 -7.34 15.64
CA HIS B 133 -26.49 -8.21 15.81
C HIS B 133 -26.86 -8.45 17.26
N LEU B 134 -26.05 -7.92 18.19
CA LEU B 134 -26.26 -8.07 19.62
C LEU B 134 -26.65 -6.77 20.33
N VAL B 135 -26.15 -5.63 19.87
CA VAL B 135 -26.69 -4.35 20.34
C VAL B 135 -28.20 -4.35 20.18
N ARG B 136 -28.68 -4.90 19.06
CA ARG B 136 -30.10 -5.13 18.88
C ARG B 136 -30.60 -6.19 19.86
N ARG B 137 -29.98 -7.36 19.84
CA ARG B 137 -30.48 -8.50 20.61
C ARG B 137 -30.56 -8.18 22.11
N VAL B 138 -29.54 -7.52 22.66
CA VAL B 138 -29.53 -7.29 24.10
C VAL B 138 -30.52 -6.20 24.49
N PHE B 139 -30.72 -5.20 23.64
CA PHE B 139 -31.81 -4.25 23.89
C PHE B 139 -33.17 -4.94 23.85
N GLN B 140 -33.32 -5.96 23.01
CA GLN B 140 -34.56 -6.71 22.91
C GLN B 140 -34.91 -7.42 24.20
N GLU B 141 -34.05 -7.32 25.21
CA GLU B 141 -34.28 -7.94 26.51
C GLU B 141 -34.53 -6.94 27.62
N GLY B 142 -34.21 -5.67 27.42
CA GLY B 142 -34.39 -4.67 28.46
C GLY B 142 -33.12 -4.39 29.23
N VAL B 145 -28.17 -3.10 27.88
CA VAL B 145 -26.83 -3.00 27.32
C VAL B 145 -26.15 -1.72 27.81
N PRO B 146 -24.83 -1.79 28.08
CA PRO B 146 -24.07 -0.57 28.38
C PRO B 146 -23.28 -0.07 27.18
N ALA B 147 -22.77 1.16 27.26
CA ALA B 147 -22.10 1.79 26.12
C ALA B 147 -21.07 2.80 26.62
N LEU B 148 -20.48 3.54 25.68
CA LEU B 148 -19.56 4.62 25.95
C LEU B 148 -20.06 5.90 25.29
N VAL B 149 -19.50 7.04 25.69
CA VAL B 149 -19.74 8.31 25.01
C VAL B 149 -18.42 9.03 24.82
N ALA B 150 -18.34 9.79 23.72
CA ALA B 150 -17.19 10.63 23.45
C ALA B 150 -17.64 11.77 22.55
N VAL B 151 -17.02 12.93 22.74
CA VAL B 151 -17.32 14.13 21.97
C VAL B 151 -16.03 14.55 21.30
N HIS B 152 -15.98 14.43 19.97
CA HIS B 152 -14.82 14.88 19.22
C HIS B 152 -14.86 16.38 18.97
N GLN B 153 -16.05 16.94 18.73
CA GLN B 153 -16.17 18.34 18.35
C GLN B 153 -17.51 18.87 18.83
N ASP B 154 -17.48 19.97 19.60
CA ASP B 154 -18.67 20.57 20.20
C ASP B 154 -18.79 22.00 19.67
N ALA B 155 -19.58 22.19 18.62
CA ALA B 155 -19.80 23.50 18.04
C ALA B 155 -21.08 24.17 18.54
N THR B 156 -21.99 23.43 19.17
CA THR B 156 -23.20 23.99 19.75
C THR B 156 -23.18 24.05 21.27
N GLY B 157 -22.16 23.46 21.92
CA GLY B 157 -22.14 23.39 23.37
C GLY B 157 -23.10 22.41 23.97
N THR B 158 -23.83 21.65 23.14
CA THR B 158 -24.79 20.65 23.59
C THR B 158 -24.42 19.24 23.14
N ALA B 159 -23.20 19.02 22.64
CA ALA B 159 -22.85 17.74 22.03
C ALA B 159 -23.02 16.60 23.02
N LEU B 160 -22.44 16.74 24.22
CA LEU B 160 -22.50 15.65 25.20
C LEU B 160 -23.94 15.32 25.57
N HIS B 161 -24.79 16.35 25.70
CA HIS B 161 -26.19 16.12 26.07
C HIS B 161 -26.96 15.41 24.96
N VAL B 162 -26.65 15.71 23.70
CA VAL B 162 -27.34 15.05 22.58
C VAL B 162 -26.81 13.63 22.38
N ALA B 163 -25.49 13.44 22.54
CA ALA B 163 -24.95 12.09 22.48
C ALA B 163 -25.47 11.23 23.62
N LEU B 164 -25.60 11.80 24.82
CA LEU B 164 -26.18 11.06 25.94
C LEU B 164 -27.67 10.79 25.72
N ALA B 165 -28.35 11.65 24.97
CA ALA B 165 -29.74 11.37 24.63
C ALA B 165 -29.83 10.24 23.62
N TYR B 166 -29.00 10.28 22.57
CA TYR B 166 -28.94 9.18 21.62
C TYR B 166 -28.57 7.88 22.31
N ALA B 167 -27.82 7.97 23.42
CA ALA B 167 -27.53 6.78 24.21
C ALA B 167 -28.80 6.20 24.81
N LYS B 168 -29.69 7.07 25.32
CA LYS B 168 -31.00 6.61 25.76
C LYS B 168 -31.72 5.88 24.63
N GLY B 169 -31.78 6.50 23.44
CA GLY B 169 -32.62 5.97 22.38
C GLY B 169 -32.22 4.58 21.93
N VAL B 170 -30.91 4.33 21.79
CA VAL B 170 -30.45 3.01 21.37
C VAL B 170 -30.45 2.10 22.58
N GLY B 171 -30.96 2.61 23.70
CA GLY B 171 -31.24 1.80 24.87
C GLY B 171 -30.02 1.27 25.59
N CYS B 172 -28.96 2.07 25.71
CA CYS B 172 -27.72 1.62 26.31
C CYS B 172 -27.34 2.37 27.57
N THR B 173 -28.16 3.30 28.04
CA THR B 173 -28.02 3.85 29.38
C THR B 173 -28.75 3.01 30.41
N ARG B 174 -29.42 1.94 29.99
CA ARG B 174 -30.08 1.03 30.92
C ARG B 174 -29.10 0.52 31.96
N ALA B 175 -27.96 -0.01 31.51
CA ALA B 175 -26.91 -0.39 32.44
C ALA B 175 -26.09 0.82 32.86
N GLY B 176 -25.48 1.50 31.91
CA GLY B 176 -24.67 2.66 32.20
C GLY B 176 -23.78 3.01 31.03
N VAL B 177 -23.27 4.24 31.05
CA VAL B 177 -22.43 4.77 29.98
C VAL B 177 -21.21 5.42 30.61
N ILE B 178 -20.02 5.03 30.15
CA ILE B 178 -18.75 5.60 30.59
C ILE B 178 -18.28 6.61 29.54
N GLU B 179 -17.82 7.76 30.00
CA GLU B 179 -17.28 8.77 29.09
C GLU B 179 -15.86 8.40 28.67
N THR B 180 -15.51 8.76 27.44
CA THR B 180 -14.20 8.41 26.89
C THR B 180 -13.86 9.42 25.79
N THR B 181 -12.91 9.04 24.94
CA THR B 181 -12.49 9.85 23.81
C THR B 181 -12.58 9.01 22.53
N PHE B 182 -12.58 9.71 21.39
CA PHE B 182 -12.50 9.00 20.11
C PHE B 182 -11.23 8.14 20.04
N GLN B 183 -10.11 8.69 20.52
CA GLN B 183 -8.86 7.94 20.52
C GLN B 183 -8.93 6.73 21.46
N GLU B 184 -9.42 6.92 22.68
CA GLU B 184 -9.45 5.82 23.63
C GLU B 184 -10.39 4.71 23.16
N GLU B 185 -11.56 5.07 22.63
CA GLU B 185 -12.46 4.06 22.09
C GLU B 185 -11.82 3.33 20.90
N THR B 186 -11.24 4.08 19.96
CA THR B 186 -10.71 3.46 18.75
C THR B 186 -9.57 2.50 19.09
N GLU B 187 -8.53 3.00 19.77
CA GLU B 187 -7.35 2.19 20.06
C GLU B 187 -7.72 0.99 20.92
N THR B 188 -8.70 1.14 21.81
CA THR B 188 -9.03 0.07 22.74
C THR B 188 -9.87 -1.01 22.07
N ASP B 189 -10.89 -0.62 21.29
CA ASP B 189 -11.66 -1.61 20.54
C ASP B 189 -10.76 -2.41 19.60
N LEU B 190 -9.83 -1.74 18.91
CA LEU B 190 -8.95 -2.45 17.98
C LEU B 190 -8.05 -3.44 18.71
N PHE B 191 -7.51 -3.07 19.87
CA PHE B 191 -6.63 -3.99 20.58
C PHE B 191 -7.40 -5.19 21.14
N GLY B 192 -8.57 -4.94 21.72
CA GLY B 192 -9.31 -6.02 22.34
C GLY B 192 -9.66 -7.12 21.35
N GLU B 193 -10.20 -6.74 20.20
CA GLU B 193 -10.57 -7.73 19.19
C GLU B 193 -9.33 -8.40 18.61
N GLN B 194 -8.23 -7.66 18.47
CA GLN B 194 -7.05 -8.25 17.85
C GLN B 194 -6.31 -9.17 18.82
N ALA B 195 -5.98 -8.68 20.01
CA ALA B 195 -5.12 -9.46 20.91
C ALA B 195 -5.89 -10.50 21.71
N VAL B 196 -7.18 -10.30 21.97
CA VAL B 196 -7.91 -11.19 22.86
C VAL B 196 -9.17 -11.77 22.21
N LEU B 197 -10.17 -10.92 21.95
CA LEU B 197 -11.51 -11.41 21.60
C LEU B 197 -11.49 -12.30 20.37
N CYS B 198 -10.91 -11.81 19.27
CA CYS B 198 -10.96 -12.51 18.00
C CYS B 198 -9.63 -13.16 17.65
N GLY B 199 -8.56 -12.38 17.52
CA GLY B 199 -7.26 -12.94 17.20
C GLY B 199 -6.78 -14.00 18.17
N GLY B 200 -6.66 -13.63 19.46
CA GLY B 200 -6.09 -14.56 20.43
C GLY B 200 -6.95 -15.78 20.71
N VAL B 201 -8.26 -15.57 20.87
CA VAL B 201 -9.16 -16.68 21.21
C VAL B 201 -9.18 -17.73 20.10
N THR B 202 -9.49 -17.30 18.86
CA THR B 202 -9.56 -18.26 17.76
C THR B 202 -8.24 -18.98 17.56
N ALA B 203 -7.12 -18.27 17.74
CA ALA B 203 -5.81 -18.89 17.57
C ALA B 203 -5.57 -19.92 18.67
N LEU B 204 -5.96 -19.58 19.91
CA LEU B 204 -5.83 -20.52 21.02
C LEU B 204 -6.68 -21.75 20.77
N VAL B 205 -7.93 -21.55 20.36
CA VAL B 205 -8.83 -22.67 20.07
C VAL B 205 -8.23 -23.55 18.98
N LYS B 206 -7.73 -22.93 17.90
CA LYS B 206 -7.17 -23.69 16.79
C LYS B 206 -5.93 -24.45 17.23
N ALA B 207 -5.03 -23.80 17.96
CA ALA B 207 -3.81 -24.47 18.42
C ALA B 207 -4.13 -25.67 19.29
N GLY B 208 -5.09 -25.52 20.22
CA GLY B 208 -5.44 -26.64 21.07
C GLY B 208 -6.07 -27.77 20.30
N PHE B 209 -7.05 -27.46 19.45
CA PHE B 209 -7.66 -28.46 18.58
C PHE B 209 -6.61 -29.21 17.77
N GLU B 210 -5.66 -28.46 17.19
CA GLU B 210 -4.63 -29.09 16.37
C GLU B 210 -3.73 -29.99 17.21
N THR B 211 -3.38 -29.53 18.42
CA THR B 211 -2.55 -30.34 19.32
C THR B 211 -3.19 -31.69 19.57
N LEU B 212 -4.52 -31.74 19.70
CA LEU B 212 -5.20 -33.01 19.97
C LEU B 212 -5.26 -33.90 18.72
N THR B 213 -5.53 -33.32 17.55
CA THR B 213 -5.64 -34.17 16.34
C THR B 213 -4.27 -34.68 15.91
N GLU B 214 -3.26 -33.82 15.89
CA GLU B 214 -1.89 -34.29 15.68
C GLU B 214 -1.49 -35.30 16.75
N GLY B 215 -2.08 -35.20 17.94
CA GLY B 215 -1.85 -36.15 19.00
C GLY B 215 -2.58 -37.46 18.84
N GLY B 216 -3.36 -37.63 17.77
CA GLY B 216 -4.00 -38.89 17.48
C GLY B 216 -5.36 -39.10 18.10
N TYR B 217 -6.08 -38.03 18.45
CA TYR B 217 -7.39 -38.18 19.06
C TYR B 217 -8.48 -37.95 18.03
N ARG B 218 -9.63 -38.58 18.25
CA ARG B 218 -10.78 -38.39 17.39
C ARG B 218 -11.07 -36.89 17.25
N PRO B 219 -11.16 -36.37 16.02
CA PRO B 219 -11.31 -34.92 15.84
C PRO B 219 -12.63 -34.36 16.36
N GLU B 220 -13.67 -35.19 16.47
CA GLU B 220 -14.93 -34.68 17.01
C GLU B 220 -14.83 -34.52 18.52
N ILE B 221 -14.14 -35.45 19.20
CA ILE B 221 -13.80 -35.27 20.60
C ILE B 221 -13.09 -33.93 20.78
N ALA B 222 -12.13 -33.64 19.89
CA ALA B 222 -11.35 -32.41 20.02
C ALA B 222 -12.19 -31.17 19.79
N TYR B 223 -13.26 -31.26 18.99
CA TYR B 223 -14.12 -30.11 18.78
C TYR B 223 -14.91 -29.79 20.04
N PHE B 224 -15.42 -30.82 20.72
CA PHE B 224 -16.19 -30.59 21.94
C PHE B 224 -15.38 -29.83 22.99
N GLU B 225 -14.11 -30.19 23.15
CA GLU B 225 -13.30 -29.74 24.27
C GLU B 225 -12.60 -28.42 24.04
N CYS B 226 -12.30 -28.07 22.79
CA CYS B 226 -11.56 -26.85 22.54
C CYS B 226 -12.45 -25.70 22.10
N LEU B 227 -13.66 -26.00 21.63
CA LEU B 227 -14.55 -24.97 21.10
C LEU B 227 -15.91 -25.04 21.76
N HIS B 228 -16.54 -26.21 21.68
CA HIS B 228 -17.93 -26.37 22.12
C HIS B 228 -18.10 -26.01 23.59
N GLU B 229 -17.25 -26.55 24.46
CA GLU B 229 -17.33 -26.29 25.90
C GLU B 229 -17.00 -24.85 26.26
N LEU B 230 -16.31 -24.12 25.38
CA LEU B 230 -15.83 -22.78 25.69
C LEU B 230 -16.97 -21.80 25.95
N LYS B 231 -18.05 -21.91 25.17
CA LYS B 231 -19.21 -21.06 25.41
C LYS B 231 -19.79 -21.30 26.79
N LEU B 232 -19.83 -22.56 27.20
CA LEU B 232 -20.33 -22.93 28.52
C LEU B 232 -19.42 -22.43 29.63
N ILE B 233 -18.18 -22.06 29.30
CA ILE B 233 -17.22 -21.53 30.25
C ILE B 233 -17.21 -20.00 30.25
N VAL B 234 -17.34 -19.39 29.08
CA VAL B 234 -17.26 -17.94 28.98
C VAL B 234 -18.53 -17.28 29.51
N ASP B 235 -19.67 -17.97 29.44
CA ASP B 235 -20.89 -17.45 30.06
C ASP B 235 -20.70 -17.23 31.57
N LEU B 236 -19.96 -18.13 32.23
CA LEU B 236 -19.69 -17.97 33.65
C LEU B 236 -18.87 -16.72 33.94
N TYR B 238 -18.90 -13.94 32.11
CA TYR B 238 -19.68 -12.74 31.80
C TYR B 238 -20.54 -12.32 32.99
N GLU B 239 -21.00 -13.29 33.80
CA GLU B 239 -21.92 -12.98 34.88
C GLU B 239 -21.23 -12.22 36.01
N GLY B 240 -20.02 -12.62 36.38
CA GLY B 240 -19.37 -11.96 37.51
C GLY B 240 -17.87 -12.16 37.58
N GLY B 241 -17.17 -11.90 36.47
CA GLY B 241 -15.73 -11.96 36.47
C GLY B 241 -15.16 -13.38 36.52
N LEU B 242 -13.84 -13.44 36.68
CA LEU B 242 -13.14 -14.72 36.70
C LEU B 242 -13.37 -15.48 38.01
N THR B 243 -13.57 -14.77 39.12
CA THR B 243 -13.81 -15.44 40.40
C THR B 243 -15.04 -16.35 40.30
N ASN B 244 -16.11 -15.86 39.70
CA ASN B 244 -17.31 -16.66 39.50
C ASN B 244 -17.03 -17.89 38.65
N ARG B 246 -14.13 -19.62 38.16
CA ARG B 246 -13.31 -20.61 38.84
C ARG B 246 -14.02 -21.27 40.01
N HIS B 247 -15.07 -20.64 40.56
CA HIS B 247 -15.86 -21.30 41.60
C HIS B 247 -16.71 -22.42 41.01
N SER B 248 -17.32 -22.19 39.84
CA SER B 248 -18.33 -23.09 39.32
C SER B 248 -17.76 -24.32 38.62
N ILE B 249 -16.51 -24.28 38.18
CA ILE B 249 -15.90 -25.44 37.53
C ILE B 249 -15.30 -26.33 38.62
N SER B 250 -14.97 -27.57 38.27
CA SER B 250 -14.46 -28.52 39.25
C SER B 250 -13.13 -28.07 39.83
N ASP B 251 -12.76 -28.69 40.95
CA ASP B 251 -11.47 -28.39 41.57
C ASP B 251 -10.31 -28.87 40.71
N THR B 252 -10.47 -30.03 40.05
CA THR B 252 -9.42 -30.51 39.16
C THR B 252 -9.19 -29.52 38.03
N ALA B 253 -10.27 -28.96 37.47
CA ALA B 253 -10.15 -28.05 36.34
C ALA B 253 -9.62 -26.69 36.80
N GLU B 254 -10.01 -26.26 38.00
CA GLU B 254 -9.54 -24.99 38.53
C GLU B 254 -8.04 -25.05 38.81
N PHE B 255 -7.57 -26.17 39.37
CA PHE B 255 -6.14 -26.35 39.55
C PHE B 255 -5.41 -26.40 38.21
N GLY B 256 -5.98 -27.10 37.24
CA GLY B 256 -5.40 -27.12 35.90
C GLY B 256 -5.26 -25.73 35.33
N ASP B 257 -6.32 -24.94 35.41
CA ASP B 257 -6.28 -23.52 35.06
C ASP B 257 -5.05 -22.85 35.67
N TYR B 258 -4.92 -22.93 37.00
CA TYR B 258 -3.91 -22.15 37.71
C TYR B 258 -2.49 -22.53 37.27
N VAL B 259 -2.22 -23.83 37.09
CA VAL B 259 -0.86 -24.26 36.83
C VAL B 259 -0.49 -24.26 35.35
N THR B 260 -1.43 -23.90 34.45
CA THR B 260 -1.16 -24.00 33.01
C THR B 260 -1.27 -22.68 32.27
N GLY B 261 -2.22 -21.80 32.65
CA GLY B 261 -2.38 -20.54 31.96
C GLY B 261 -1.07 -19.80 31.74
N SER B 262 -0.29 -19.67 32.82
CA SER B 262 1.01 -19.01 32.75
C SER B 262 1.98 -19.70 31.80
N ARG B 263 1.72 -20.95 31.43
CA ARG B 263 2.59 -21.59 30.45
C ARG B 263 2.19 -21.23 29.03
N ILE B 264 0.89 -21.01 28.79
CA ILE B 264 0.38 -20.78 27.45
C ILE B 264 0.52 -19.31 27.07
N VAL B 265 0.20 -18.41 27.99
CA VAL B 265 0.31 -16.97 27.79
C VAL B 265 1.46 -16.50 28.67
N THR B 266 2.60 -16.22 28.07
CA THR B 266 3.82 -15.98 28.83
C THR B 266 4.19 -14.49 28.80
N ASP B 267 5.42 -14.20 29.24
CA ASP B 267 5.96 -12.85 29.20
C ASP B 267 6.20 -12.39 27.76
N GLU B 268 6.70 -13.28 26.90
CA GLU B 268 6.85 -12.92 25.49
C GLU B 268 5.50 -12.65 24.84
N THR B 269 4.45 -13.39 25.22
CA THR B 269 3.11 -13.09 24.72
C THR B 269 2.68 -11.69 25.10
N LYS B 270 2.93 -11.27 26.34
CA LYS B 270 2.56 -9.93 26.78
C LYS B 270 3.39 -8.86 26.07
N LYS B 271 4.67 -9.13 25.83
CA LYS B 271 5.48 -8.22 25.03
C LYS B 271 4.92 -8.07 23.62
N GLU B 272 4.45 -9.16 23.02
CA GLU B 272 3.87 -9.07 21.69
C GLU B 272 2.58 -8.27 21.70
N LYS B 274 1.91 -5.84 23.62
CA LYS B 274 2.39 -4.47 23.65
C LYS B 274 2.73 -3.97 22.24
N ARG B 275 3.45 -4.80 21.46
CA ARG B 275 3.73 -4.45 20.07
C ARG B 275 2.44 -4.24 19.28
N VAL B 276 1.47 -5.13 19.47
CA VAL B 276 0.18 -4.99 18.81
C VAL B 276 -0.45 -3.64 19.15
N LEU B 277 -0.46 -3.29 20.44
CA LEU B 277 -1.07 -2.03 20.87
C LEU B 277 -0.35 -0.83 20.26
N THR B 278 0.98 -0.84 20.32
CA THR B 278 1.77 0.26 19.78
C THR B 278 1.53 0.44 18.29
N GLU B 279 1.46 -0.66 17.54
CA GLU B 279 1.12 -0.57 16.12
C GLU B 279 -0.26 0.02 15.92
N ILE B 280 -1.18 -0.21 16.84
CA ILE B 280 -2.50 0.40 16.75
C ILE B 280 -2.43 1.88 17.07
N GLN B 281 -1.66 2.24 18.10
CA GLN B 281 -1.56 3.64 18.51
C GLN B 281 -0.89 4.49 17.44
N GLN B 282 0.12 3.95 16.77
CA GLN B 282 0.86 4.70 15.76
C GLN B 282 0.17 4.73 14.40
N GLY B 283 -1.06 4.24 14.29
CA GLY B 283 -1.77 4.23 13.03
C GLY B 283 -1.28 3.22 12.03
N GLU B 284 -0.39 2.31 12.45
CA GLU B 284 0.18 1.33 11.54
C GLU B 284 -0.80 0.21 11.19
N PHE B 285 -1.67 -0.18 12.11
CA PHE B 285 -2.73 -1.09 11.70
C PHE B 285 -3.69 -0.41 10.74
N ALA B 286 -4.10 0.82 11.08
CA ALA B 286 -5.01 1.58 10.24
C ALA B 286 -4.48 1.67 8.80
N LYS B 287 -3.18 1.90 8.65
CA LYS B 287 -2.59 1.97 7.33
C LYS B 287 -2.66 0.62 6.62
N LYS B 288 -2.24 -0.45 7.31
CA LYS B 288 -2.34 -1.80 6.79
C LYS B 288 -3.76 -2.11 6.29
N TRP B 289 -4.78 -1.71 7.04
CA TRP B 289 -6.15 -2.01 6.65
C TRP B 289 -6.60 -1.12 5.49
N ILE B 290 -6.29 0.17 5.53
CA ILE B 290 -6.67 1.06 4.45
C ILE B 290 -6.02 0.62 3.14
N LEU B 291 -4.72 0.31 3.18
CA LEU B 291 -4.03 -0.15 1.99
C LEU B 291 -4.50 -1.54 1.56
N GLU B 292 -4.93 -2.37 2.51
CA GLU B 292 -5.51 -3.66 2.16
C GLU B 292 -6.72 -3.46 1.25
N ASN B 293 -7.56 -2.47 1.55
CA ASN B 293 -8.75 -2.22 0.78
C ASN B 293 -8.45 -1.54 -0.55
N GLN B 294 -7.47 -0.63 -0.57
CA GLN B 294 -7.08 -0.01 -1.83
C GLN B 294 -6.48 -1.02 -2.80
N ALA B 295 -6.04 -2.18 -2.31
CA ALA B 295 -5.46 -3.21 -3.14
C ALA B 295 -6.46 -4.30 -3.54
N GLY B 296 -7.72 -4.18 -3.12
CA GLY B 296 -8.72 -5.16 -3.45
C GLY B 296 -8.78 -6.33 -2.50
N ARG B 297 -8.36 -6.13 -1.26
CA ARG B 297 -8.43 -7.15 -0.21
C ARG B 297 -7.76 -8.48 -0.59
N PRO B 298 -6.56 -8.46 -1.17
CA PRO B 298 -5.93 -9.75 -1.51
C PRO B 298 -5.65 -10.62 -0.29
N THR B 299 -5.05 -10.06 0.78
CA THR B 299 -4.71 -10.92 1.91
C THR B 299 -5.92 -11.21 2.78
N TYR B 300 -6.83 -10.24 2.92
CA TYR B 300 -8.08 -10.48 3.61
C TYR B 300 -8.85 -11.65 3.00
N ASN B 301 -9.06 -11.61 1.67
CA ASN B 301 -9.84 -12.66 1.02
C ASN B 301 -9.14 -14.01 1.07
N ALA B 302 -7.81 -14.03 0.87
CA ALA B 302 -7.07 -15.29 0.94
C ALA B 302 -7.10 -15.90 2.34
N LYS B 304 -9.29 -15.34 4.72
CA LYS B 304 -10.67 -15.74 5.01
C LYS B 304 -10.98 -17.11 4.43
N LYS B 305 -10.60 -17.34 3.17
CA LYS B 305 -10.86 -18.62 2.52
C LYS B 305 -10.15 -19.76 3.24
N ALA B 306 -8.88 -19.56 3.59
CA ALA B 306 -8.11 -20.64 4.21
C ALA B 306 -8.63 -20.96 5.61
N GLU B 307 -9.13 -19.95 6.34
CA GLU B 307 -9.68 -20.20 7.67
C GLU B 307 -11.02 -20.94 7.61
N GLN B 308 -11.82 -20.66 6.58
CA GLN B 308 -13.09 -21.37 6.42
C GLN B 308 -12.90 -22.85 6.16
N ASN B 309 -11.72 -23.27 5.71
CA ASN B 309 -11.50 -24.66 5.34
C ASN B 309 -10.62 -25.42 6.33
N HIS B 310 -10.49 -24.90 7.56
CA HIS B 310 -9.82 -25.66 8.60
C HIS B 310 -10.65 -26.88 8.97
N GLN B 311 -9.98 -27.99 9.29
CA GLN B 311 -10.71 -29.21 9.65
C GLN B 311 -11.49 -29.04 10.94
N LEU B 312 -11.21 -27.99 11.72
CA LEU B 312 -12.08 -27.62 12.83
C LEU B 312 -13.50 -27.35 12.36
N GLU B 313 -13.66 -26.98 11.09
CA GLU B 313 -14.97 -26.66 10.53
C GLU B 313 -15.63 -27.87 9.88
N LYS B 314 -14.90 -28.60 9.03
CA LYS B 314 -15.48 -29.77 8.40
C LYS B 314 -15.88 -30.83 9.43
N VAL B 315 -15.05 -31.00 10.46
CA VAL B 315 -15.46 -31.82 11.59
C VAL B 315 -16.53 -31.11 12.40
N GLY B 316 -16.34 -29.81 12.65
CA GLY B 316 -17.33 -29.06 13.40
C GLY B 316 -18.71 -29.09 12.74
N GLU B 317 -18.75 -28.92 11.41
CA GLU B 317 -20.02 -28.72 10.74
C GLU B 317 -20.91 -29.96 10.83
N GLU B 318 -20.31 -31.15 10.75
CA GLU B 318 -21.10 -32.37 10.88
C GLU B 318 -21.71 -32.53 12.26
N LEU B 319 -21.16 -31.85 13.27
CA LEU B 319 -21.59 -31.99 14.66
C LEU B 319 -22.69 -31.00 15.03
N ARG B 320 -22.58 -29.75 14.61
CA ARG B 320 -23.57 -28.74 15.00
C ARG B 320 -24.95 -28.98 14.39
N GLU B 321 -25.13 -30.02 13.57
CA GLU B 321 -26.47 -30.35 13.08
C GLU B 321 -27.31 -31.03 14.15
N SER B 324 -30.22 -29.23 17.03
CA SER B 324 -31.20 -28.44 16.30
C SER B 324 -31.43 -27.08 16.94
N TRP B 325 -31.20 -26.98 18.25
CA TRP B 325 -31.21 -25.70 18.95
C TRP B 325 -30.01 -24.86 18.54
N LYS C 2 -5.97 -35.47 -13.88
CA LYS C 2 -6.78 -35.53 -15.10
C LYS C 2 -6.06 -34.77 -16.21
N THR C 3 -5.68 -35.50 -17.26
CA THR C 3 -5.11 -34.92 -18.47
C THR C 3 -6.08 -35.15 -19.62
N TYR C 4 -6.34 -34.10 -20.40
CA TYR C 4 -7.23 -34.18 -21.56
C TYR C 4 -6.42 -34.15 -22.84
N TYR C 5 -6.79 -35.01 -23.78
CA TYR C 5 -6.09 -35.15 -25.06
C TYR C 5 -7.04 -34.80 -26.22
N GLU C 6 -6.54 -35.03 -27.45
CA GLU C 6 -7.27 -34.59 -28.64
C GLU C 6 -8.70 -35.13 -28.67
N GLN C 7 -8.89 -36.39 -28.26
CA GLN C 7 -10.20 -37.03 -28.27
C GLN C 7 -11.09 -36.64 -27.10
N ASP C 8 -10.61 -35.79 -26.19
CA ASP C 8 -11.46 -35.33 -25.09
C ASP C 8 -12.06 -33.97 -25.34
N ALA C 9 -11.76 -33.35 -26.49
CA ALA C 9 -12.20 -32.00 -26.80
C ALA C 9 -12.84 -31.97 -28.18
N ASN C 10 -13.88 -31.16 -28.33
CA ASN C 10 -14.57 -31.01 -29.60
C ASN C 10 -14.41 -29.57 -30.07
N VAL C 11 -13.58 -29.37 -31.11
CA VAL C 11 -13.41 -28.05 -31.70
C VAL C 11 -14.70 -27.52 -32.29
N GLY C 12 -15.64 -28.42 -32.60
CA GLY C 12 -16.90 -28.02 -33.20
C GLY C 12 -17.78 -27.18 -32.30
N LEU C 13 -17.58 -27.24 -30.98
CA LEU C 13 -18.35 -26.42 -30.07
C LEU C 13 -18.16 -24.92 -30.33
N LEU C 14 -17.03 -24.53 -30.90
CA LEU C 14 -16.76 -23.14 -31.22
C LEU C 14 -17.29 -22.73 -32.60
N GLN C 15 -17.96 -23.63 -33.32
CA GLN C 15 -18.53 -23.23 -34.60
C GLN C 15 -19.70 -22.30 -34.37
N GLY C 16 -19.79 -21.25 -35.18
CA GLY C 16 -20.74 -20.19 -34.95
C GLY C 16 -20.45 -19.36 -33.72
N LYS C 17 -19.26 -19.48 -33.14
CA LYS C 17 -18.85 -18.68 -32.00
C LYS C 17 -17.64 -17.84 -32.39
N THR C 18 -17.76 -16.53 -32.24
CA THR C 18 -16.62 -15.65 -32.42
C THR C 18 -15.83 -15.62 -31.13
N VAL C 19 -14.51 -15.74 -31.25
CA VAL C 19 -13.60 -15.61 -30.12
C VAL C 19 -12.89 -14.28 -30.22
N ALA C 20 -12.93 -13.50 -29.13
CA ALA C 20 -12.22 -12.23 -29.05
C ALA C 20 -10.92 -12.47 -28.31
N VAL C 21 -9.81 -12.34 -29.01
CA VAL C 21 -8.49 -12.35 -28.40
C VAL C 21 -8.19 -10.91 -28.00
N ILE C 22 -8.12 -10.66 -26.69
CA ILE C 22 -7.86 -9.33 -26.15
C ILE C 22 -6.35 -9.18 -25.98
N GLY C 23 -5.75 -8.27 -26.72
CA GLY C 23 -4.30 -8.18 -26.77
C GLY C 23 -3.73 -9.01 -27.89
N TYR C 24 -2.56 -8.60 -28.37
CA TYR C 24 -1.93 -9.27 -29.50
C TYR C 24 -0.42 -9.34 -29.31
N GLY C 25 0.00 -9.76 -28.13
CA GLY C 25 1.41 -9.90 -27.85
C GLY C 25 1.89 -11.32 -27.98
N SER C 26 2.66 -11.80 -26.99
CA SER C 26 3.26 -13.12 -27.08
C SER C 26 2.19 -14.20 -27.19
N GLN C 27 1.22 -14.20 -26.28
CA GLN C 27 0.20 -15.23 -26.30
C GLN C 27 -0.92 -14.90 -27.28
N GLY C 28 -1.28 -13.62 -27.37
CA GLY C 28 -2.31 -13.15 -28.28
C GLY C 28 -2.07 -13.57 -29.73
N HIS C 29 -0.94 -13.17 -30.30
CA HIS C 29 -0.71 -13.45 -31.72
C HIS C 29 -0.66 -14.95 -31.98
N ALA C 30 -0.11 -15.74 -31.05
CA ALA C 30 0.05 -17.16 -31.30
C ALA C 30 -1.28 -17.91 -31.15
N GLN C 31 -2.04 -17.60 -30.11
CA GLN C 31 -3.34 -18.26 -29.93
C GLN C 31 -4.35 -17.80 -30.97
N ALA C 32 -4.28 -16.53 -31.39
CA ALA C 32 -5.20 -16.04 -32.42
C ALA C 32 -4.95 -16.72 -33.76
N GLN C 33 -3.68 -16.87 -34.14
CA GLN C 33 -3.36 -17.50 -35.41
C GLN C 33 -3.63 -19.00 -35.37
N ASN C 34 -3.33 -19.66 -34.25
CA ASN C 34 -3.62 -21.09 -34.13
C ASN C 34 -5.11 -21.34 -34.24
N LEU C 35 -5.93 -20.52 -33.59
CA LEU C 35 -7.38 -20.71 -33.63
C LEU C 35 -7.93 -20.55 -35.04
N ARG C 36 -7.49 -19.50 -35.74
CA ARG C 36 -7.95 -19.30 -37.10
C ARG C 36 -7.53 -20.47 -37.98
N ASP C 37 -6.26 -20.88 -37.89
CA ASP C 37 -5.79 -22.06 -38.62
C ASP C 37 -6.59 -23.31 -38.26
N SER C 38 -7.18 -23.34 -37.07
CA SER C 38 -7.98 -24.48 -36.65
C SER C 38 -9.44 -24.36 -37.07
N GLY C 39 -9.83 -23.25 -37.69
CA GLY C 39 -11.17 -23.08 -38.21
C GLY C 39 -12.11 -22.22 -37.39
N VAL C 40 -11.60 -21.51 -36.36
CA VAL C 40 -12.43 -20.70 -35.48
C VAL C 40 -12.44 -19.26 -35.98
N GLU C 41 -13.60 -18.62 -35.89
CA GLU C 41 -13.73 -17.19 -36.17
C GLU C 41 -13.12 -16.39 -35.02
N VAL C 42 -12.10 -15.58 -35.33
CA VAL C 42 -11.34 -14.84 -34.33
C VAL C 42 -11.32 -13.38 -34.72
N VAL C 43 -11.64 -12.51 -33.76
CA VAL C 43 -11.41 -11.08 -33.89
C VAL C 43 -10.41 -10.69 -32.82
N VAL C 44 -9.68 -9.60 -33.06
CA VAL C 44 -8.64 -9.13 -32.15
C VAL C 44 -9.11 -7.80 -31.56
N GLY C 45 -9.19 -7.75 -30.23
CA GLY C 45 -9.45 -6.51 -29.53
C GLY C 45 -8.21 -6.01 -28.83
N VAL C 46 -7.67 -4.88 -29.28
CA VAL C 46 -6.41 -4.35 -28.77
C VAL C 46 -6.41 -2.85 -29.02
N ARG C 47 -5.57 -2.13 -28.27
CA ARG C 47 -5.52 -0.68 -28.39
C ARG C 47 -4.75 -0.27 -29.63
N PRO C 48 -4.97 0.95 -30.13
CA PRO C 48 -4.08 1.51 -31.15
C PRO C 48 -2.64 1.47 -30.70
N GLY C 49 -1.77 0.96 -31.57
CA GLY C 49 -0.39 0.78 -31.22
C GLY C 49 0.27 -0.19 -32.18
N LYS C 50 1.42 -0.72 -31.76
CA LYS C 50 2.22 -1.54 -32.66
C LYS C 50 1.63 -2.92 -32.84
N SER C 51 0.98 -3.47 -31.80
CA SER C 51 0.43 -4.81 -31.93
C SER C 51 -0.89 -4.79 -32.71
N PHE C 52 -1.63 -3.69 -32.62
CA PHE C 52 -2.77 -3.45 -33.51
C PHE C 52 -2.36 -3.59 -34.96
N GLU C 53 -1.29 -2.91 -35.35
CA GLU C 53 -0.80 -2.95 -36.73
C GLU C 53 -0.43 -4.37 -37.15
N VAL C 54 0.25 -5.11 -36.27
CA VAL C 54 0.64 -6.48 -36.61
C VAL C 54 -0.59 -7.34 -36.84
N ALA C 55 -1.59 -7.23 -35.97
CA ALA C 55 -2.81 -8.01 -36.14
C ALA C 55 -3.51 -7.66 -37.45
N LYS C 56 -3.54 -6.38 -37.81
CA LYS C 56 -4.06 -5.99 -39.12
C LYS C 56 -3.22 -6.58 -40.25
N ALA C 57 -1.89 -6.61 -40.08
CA ALA C 57 -1.04 -7.18 -41.10
C ALA C 57 -1.22 -8.68 -41.24
N ASP C 58 -1.54 -9.36 -40.13
CA ASP C 58 -1.83 -10.79 -40.20
C ASP C 58 -3.23 -11.07 -40.74
N GLY C 59 -3.99 -10.05 -41.10
CA GLY C 59 -5.28 -10.22 -41.73
C GLY C 59 -6.48 -10.32 -40.81
N PHE C 60 -6.29 -10.14 -39.51
CA PHE C 60 -7.41 -10.25 -38.58
C PHE C 60 -8.32 -9.04 -38.67
N GLU C 61 -9.57 -9.23 -38.26
CA GLU C 61 -10.46 -8.11 -37.97
C GLU C 61 -10.04 -7.53 -36.63
N VAL C 62 -9.51 -6.31 -36.63
CA VAL C 62 -8.90 -5.70 -35.46
C VAL C 62 -9.76 -4.51 -35.02
N SER C 64 -11.48 -2.21 -31.20
CA SER C 64 -11.32 -1.86 -29.79
C SER C 64 -11.69 -3.05 -28.92
N VAL C 65 -11.19 -3.04 -27.68
CA VAL C 65 -11.55 -4.08 -26.73
C VAL C 65 -13.06 -4.06 -26.47
N SER C 66 -13.64 -2.86 -26.36
CA SER C 66 -15.09 -2.74 -26.26
C SER C 66 -15.79 -3.45 -27.41
N GLU C 67 -15.37 -3.17 -28.64
CA GLU C 67 -16.05 -3.72 -29.81
C GLU C 67 -15.80 -5.22 -29.96
N ALA C 68 -14.67 -5.73 -29.47
CA ALA C 68 -14.42 -7.16 -29.52
C ALA C 68 -15.30 -7.92 -28.54
N VAL C 69 -15.53 -7.33 -27.35
CA VAL C 69 -16.34 -7.99 -26.34
C VAL C 69 -17.79 -8.05 -26.77
N ARG C 70 -18.27 -6.97 -27.41
CA ARG C 70 -19.68 -6.90 -27.80
C ARG C 70 -20.04 -7.94 -28.85
N THR C 71 -19.08 -8.36 -29.68
CA THR C 71 -19.37 -9.22 -30.82
C THR C 71 -18.91 -10.66 -30.64
N ALA C 72 -18.29 -11.01 -29.52
CA ALA C 72 -17.73 -12.33 -29.32
C ALA C 72 -18.52 -13.12 -28.29
N GLN C 73 -18.35 -14.44 -28.33
CA GLN C 73 -18.90 -15.34 -27.33
C GLN C 73 -17.83 -15.87 -26.39
N VAL C 74 -16.56 -15.76 -26.77
CA VAL C 74 -15.44 -16.10 -25.90
C VAL C 74 -14.54 -14.88 -25.86
N VAL C 75 -14.22 -14.42 -24.65
CA VAL C 75 -13.36 -13.25 -24.44
C VAL C 75 -12.08 -13.74 -23.78
N GLN C 76 -10.98 -13.75 -24.53
CA GLN C 76 -9.73 -14.33 -24.05
C GLN C 76 -8.77 -13.21 -23.67
N LEU C 78 -5.59 -11.61 -22.95
CA LEU C 78 -4.16 -11.81 -23.13
C LEU C 78 -3.40 -10.50 -23.09
N LEU C 79 -3.81 -9.61 -22.19
CA LEU C 79 -3.17 -8.36 -21.82
C LEU C 79 -2.16 -8.61 -20.71
N PRO C 80 -1.21 -7.68 -20.50
CA PRO C 80 -0.31 -7.83 -19.35
C PRO C 80 -1.09 -7.95 -18.06
N ASP C 81 -0.63 -8.83 -17.18
CA ASP C 81 -1.38 -9.13 -15.96
C ASP C 81 -1.61 -7.88 -15.13
N GLU C 82 -0.64 -6.96 -15.09
CA GLU C 82 -0.84 -5.76 -14.30
C GLU C 82 -1.80 -4.78 -14.94
N GLN C 83 -2.22 -5.00 -16.19
CA GLN C 83 -3.14 -4.10 -16.87
C GLN C 83 -4.50 -4.71 -17.15
N GLN C 84 -4.71 -6.00 -16.86
CA GLN C 84 -5.99 -6.64 -17.15
C GLN C 84 -7.12 -6.07 -16.30
N ALA C 85 -6.85 -5.80 -15.02
CA ALA C 85 -7.91 -5.36 -14.12
C ALA C 85 -8.43 -3.99 -14.48
N HIS C 86 -7.56 -3.12 -15.00
CA HIS C 86 -8.00 -1.78 -15.39
C HIS C 86 -8.78 -1.82 -16.71
N VAL C 87 -8.30 -2.58 -17.69
CA VAL C 87 -8.98 -2.64 -18.97
C VAL C 87 -10.30 -3.41 -18.84
N TYR C 88 -10.33 -4.44 -18.01
CA TYR C 88 -11.56 -5.17 -17.76
C TYR C 88 -12.67 -4.23 -17.31
N LYS C 89 -12.44 -3.50 -16.22
CA LYS C 89 -13.51 -2.71 -15.62
C LYS C 89 -13.92 -1.52 -16.48
N ALA C 90 -13.06 -1.09 -17.41
CA ALA C 90 -13.37 0.06 -18.25
C ALA C 90 -14.01 -0.34 -19.58
N GLU C 91 -13.42 -1.32 -20.28
CA GLU C 91 -13.82 -1.65 -21.64
C GLU C 91 -14.48 -3.02 -21.80
N VAL C 92 -14.49 -3.85 -20.77
CA VAL C 92 -14.97 -5.24 -20.87
C VAL C 92 -16.23 -5.46 -20.05
N GLU C 93 -16.21 -5.05 -18.78
CA GLU C 93 -17.20 -5.51 -17.82
C GLU C 93 -18.61 -5.08 -18.20
N GLU C 94 -18.79 -3.82 -18.60
CA GLU C 94 -20.13 -3.35 -18.92
C GLU C 94 -20.61 -3.81 -20.28
N ASN C 95 -19.76 -4.53 -21.03
CA ASN C 95 -20.14 -5.09 -22.32
C ASN C 95 -20.27 -6.62 -22.29
N LEU C 96 -19.96 -7.26 -21.17
CA LEU C 96 -20.20 -8.68 -21.02
C LEU C 96 -21.69 -8.95 -20.98
N ARG C 97 -22.11 -10.06 -21.57
CA ARG C 97 -23.51 -10.45 -21.50
C ARG C 97 -23.60 -11.93 -21.12
N GLU C 98 -24.84 -12.31 -20.81
CA GLU C 98 -25.16 -13.65 -20.33
C GLU C 98 -24.64 -14.72 -21.28
N GLY C 99 -24.06 -15.76 -20.72
CA GLY C 99 -23.59 -16.90 -21.49
C GLY C 99 -22.17 -16.80 -21.99
N GLN C 100 -21.61 -15.60 -22.07
CA GLN C 100 -20.26 -15.44 -22.58
C GLN C 100 -19.26 -16.24 -21.75
N LEU C 102 -15.49 -15.94 -20.27
CA LEU C 102 -14.38 -15.04 -19.94
C LEU C 102 -13.17 -15.93 -19.64
N LEU C 103 -12.20 -15.92 -20.54
CA LEU C 103 -11.08 -16.84 -20.50
C LEU C 103 -9.80 -16.09 -20.13
N PHE C 104 -8.85 -16.83 -19.57
CA PHE C 104 -7.54 -16.31 -19.20
C PHE C 104 -6.50 -17.35 -19.58
N SER C 105 -5.24 -16.92 -19.65
CA SER C 105 -4.10 -17.83 -19.71
C SER C 105 -3.22 -17.77 -18.46
N HIS C 106 -3.61 -17.00 -17.45
CA HIS C 106 -2.94 -16.97 -16.15
C HIS C 106 -3.95 -16.49 -15.11
N GLY C 107 -3.92 -17.11 -13.93
CA GLY C 107 -4.98 -16.94 -12.96
C GLY C 107 -4.90 -15.79 -11.99
N PHE C 108 -3.85 -14.95 -12.06
CA PHE C 108 -3.55 -13.99 -11.00
C PHE C 108 -4.72 -13.05 -10.72
N ASN C 109 -5.28 -12.44 -11.78
CA ASN C 109 -6.26 -11.37 -11.57
C ASN C 109 -7.59 -11.93 -11.08
N ILE C 110 -7.94 -13.15 -11.46
CA ILE C 110 -9.13 -13.78 -10.89
C ILE C 110 -8.85 -14.24 -9.47
N HIS C 111 -7.73 -14.94 -9.28
CA HIS C 111 -7.49 -15.62 -8.01
C HIS C 111 -7.37 -14.63 -6.86
N PHE C 112 -6.76 -13.47 -7.11
CA PHE C 112 -6.56 -12.47 -6.06
C PHE C 112 -7.59 -11.34 -6.15
N GLY C 113 -8.78 -11.63 -6.70
CA GLY C 113 -9.89 -10.70 -6.65
C GLY C 113 -9.65 -9.37 -7.33
N GLN C 114 -8.75 -9.30 -8.31
CA GLN C 114 -8.51 -8.06 -9.03
C GLN C 114 -9.51 -7.89 -10.18
N ILE C 115 -10.04 -9.00 -10.69
CA ILE C 115 -11.16 -8.98 -11.61
C ILE C 115 -12.25 -9.81 -10.98
N ASN C 116 -13.42 -9.20 -10.75
CA ASN C 116 -14.53 -9.89 -10.12
C ASN C 116 -15.69 -10.01 -11.10
N PRO C 117 -15.70 -11.04 -11.95
CA PRO C 117 -16.65 -11.07 -13.07
C PRO C 117 -18.07 -11.30 -12.59
N PRO C 118 -19.07 -10.96 -13.41
CA PRO C 118 -20.46 -11.22 -13.02
C PRO C 118 -20.76 -12.72 -13.00
N SER C 119 -21.92 -13.04 -12.42
CA SER C 119 -22.31 -14.42 -12.19
C SER C 119 -22.80 -15.12 -13.44
N TYR C 120 -23.18 -14.38 -14.48
CA TYR C 120 -23.83 -14.95 -15.65
C TYR C 120 -22.88 -15.30 -16.80
N VAL C 121 -21.57 -15.15 -16.62
CA VAL C 121 -20.60 -15.57 -17.61
C VAL C 121 -19.82 -16.76 -17.08
N ASP C 122 -19.29 -17.55 -18.00
CA ASP C 122 -18.31 -18.57 -17.65
C ASP C 122 -16.95 -17.92 -17.44
N VAL C 123 -16.15 -18.52 -16.56
CA VAL C 123 -14.79 -18.03 -16.31
C VAL C 123 -13.87 -19.24 -16.24
N ALA C 124 -12.93 -19.35 -17.18
CA ALA C 124 -12.06 -20.51 -17.25
C ALA C 124 -10.67 -20.07 -17.69
N VAL C 126 -7.06 -21.53 -20.02
CA VAL C 126 -6.16 -22.42 -20.74
C VAL C 126 -4.78 -21.79 -20.68
N ALA C 127 -3.86 -22.43 -19.98
CA ALA C 127 -2.53 -21.84 -19.70
C ALA C 127 -1.42 -22.64 -20.38
N PRO C 128 -0.96 -22.21 -21.57
CA PRO C 128 0.12 -22.93 -22.23
C PRO C 128 1.41 -22.88 -21.43
N LYS C 129 2.17 -23.98 -21.50
CA LYS C 129 3.45 -24.12 -20.82
C LYS C 129 4.62 -23.75 -21.70
N SER C 130 4.45 -22.77 -22.58
CA SER C 130 5.52 -22.24 -23.41
C SER C 130 5.18 -20.81 -23.77
N PRO C 131 6.18 -20.00 -24.14
CA PRO C 131 5.88 -18.68 -24.72
C PRO C 131 5.21 -18.84 -26.07
N GLY C 132 4.45 -17.81 -26.45
CA GLY C 132 3.61 -17.89 -27.64
C GLY C 132 4.40 -18.19 -28.90
N HIS C 133 5.63 -17.68 -28.99
CA HIS C 133 6.47 -17.98 -30.13
C HIS C 133 6.68 -19.49 -30.29
N LEU C 134 6.62 -20.25 -29.20
CA LEU C 134 6.67 -21.70 -29.29
C LEU C 134 5.28 -22.32 -29.45
N VAL C 135 4.27 -21.75 -28.80
CA VAL C 135 2.89 -22.17 -29.03
C VAL C 135 2.56 -22.17 -30.51
N ARG C 136 2.98 -21.13 -31.22
CA ARG C 136 2.69 -21.02 -32.64
C ARG C 136 3.57 -21.95 -33.48
N ARG C 137 4.87 -21.94 -33.23
CA ARG C 137 5.79 -22.67 -34.10
C ARG C 137 5.67 -24.18 -33.93
N VAL C 138 5.38 -24.65 -32.71
CA VAL C 138 5.13 -26.07 -32.52
C VAL C 138 3.82 -26.46 -33.18
N PHE C 139 2.83 -25.57 -33.14
CA PHE C 139 1.59 -25.79 -33.86
C PHE C 139 1.81 -25.87 -35.37
N GLN C 140 2.86 -25.21 -35.88
CA GLN C 140 3.18 -25.35 -37.29
C GLN C 140 3.57 -26.79 -37.60
N GLU C 141 4.45 -27.36 -36.79
CA GLU C 141 5.02 -28.67 -37.09
C GLU C 141 4.03 -29.81 -36.91
N GLY C 142 2.78 -29.51 -36.60
CA GLY C 142 1.76 -30.53 -36.39
C GLY C 142 1.56 -30.94 -34.95
N ASN C 143 2.36 -30.42 -34.03
CA ASN C 143 2.29 -30.76 -32.63
C ASN C 143 1.64 -29.62 -31.85
N GLY C 144 1.69 -29.71 -30.53
CA GLY C 144 1.21 -28.63 -29.68
C GLY C 144 2.00 -28.60 -28.40
N VAL C 145 1.89 -27.50 -27.68
CA VAL C 145 2.53 -27.37 -26.38
C VAL C 145 1.53 -27.78 -25.29
N PRO C 146 1.96 -28.48 -24.24
CA PRO C 146 1.05 -28.79 -23.14
C PRO C 146 0.48 -27.54 -22.50
N ALA C 147 -0.65 -27.70 -21.80
CA ALA C 147 -1.28 -26.59 -21.13
C ALA C 147 -1.96 -27.06 -19.85
N LEU C 148 -2.43 -26.11 -19.06
CA LEU C 148 -3.28 -26.38 -17.92
C LEU C 148 -4.68 -25.84 -18.20
N VAL C 149 -5.68 -26.53 -17.69
CA VAL C 149 -7.07 -26.09 -17.79
C VAL C 149 -7.65 -25.93 -16.40
N ALA C 150 -8.38 -24.85 -16.20
CA ALA C 150 -9.12 -24.62 -14.96
C ALA C 150 -10.44 -23.96 -15.30
N VAL C 151 -11.46 -24.29 -14.52
CA VAL C 151 -12.76 -23.63 -14.59
C VAL C 151 -12.99 -22.96 -13.25
N HIS C 152 -13.11 -21.63 -13.26
CA HIS C 152 -13.40 -20.87 -12.05
C HIS C 152 -14.89 -20.70 -11.81
N GLN C 153 -15.67 -20.55 -12.88
CA GLN C 153 -17.10 -20.28 -12.77
C GLN C 153 -17.77 -20.91 -13.98
N ASP C 154 -18.71 -21.82 -13.72
CA ASP C 154 -19.41 -22.54 -14.78
C ASP C 154 -20.88 -22.17 -14.68
N ALA C 155 -21.27 -21.10 -15.37
CA ALA C 155 -22.66 -20.66 -15.38
C ALA C 155 -23.50 -21.37 -16.43
N THR C 156 -22.89 -21.89 -17.50
CA THR C 156 -23.64 -22.56 -18.55
C THR C 156 -23.72 -24.06 -18.40
N GLY C 157 -22.85 -24.66 -17.56
CA GLY C 157 -22.76 -26.11 -17.49
C GLY C 157 -21.85 -26.71 -18.53
N THR C 158 -21.22 -25.89 -19.37
CA THR C 158 -20.34 -26.36 -20.43
C THR C 158 -18.98 -25.68 -20.39
N ALA C 159 -18.65 -24.96 -19.32
CA ALA C 159 -17.44 -24.15 -19.30
C ALA C 159 -16.19 -24.99 -19.57
N LEU C 160 -16.18 -26.23 -19.09
CA LEU C 160 -14.99 -27.08 -19.28
C LEU C 160 -14.82 -27.46 -20.75
N HIS C 161 -15.91 -27.85 -21.41
CA HIS C 161 -15.80 -28.28 -22.80
C HIS C 161 -15.54 -27.12 -23.74
N VAL C 162 -16.02 -25.92 -23.39
CA VAL C 162 -15.66 -24.73 -24.16
C VAL C 162 -14.18 -24.43 -24.00
N ALA C 163 -13.69 -24.50 -22.76
CA ALA C 163 -12.27 -24.29 -22.51
C ALA C 163 -11.43 -25.37 -23.20
N LEU C 164 -11.88 -26.63 -23.14
CA LEU C 164 -11.16 -27.69 -23.83
C LEU C 164 -11.21 -27.53 -25.35
N ALA C 165 -12.32 -26.99 -25.89
CA ALA C 165 -12.38 -26.73 -27.32
C ALA C 165 -11.45 -25.59 -27.72
N TYR C 166 -11.31 -24.59 -26.85
CA TYR C 166 -10.33 -23.54 -27.12
C TYR C 166 -8.93 -24.12 -27.13
N ALA C 167 -8.63 -25.00 -26.17
CA ALA C 167 -7.28 -25.55 -26.05
C ALA C 167 -6.95 -26.43 -27.24
N LYS C 168 -7.94 -27.19 -27.74
CA LYS C 168 -7.73 -27.99 -28.95
C LYS C 168 -7.52 -27.10 -30.16
N GLY C 169 -8.28 -26.02 -30.29
CA GLY C 169 -8.07 -25.09 -31.39
C GLY C 169 -6.69 -24.45 -31.37
N VAL C 170 -6.11 -24.29 -30.18
CA VAL C 170 -4.73 -23.81 -30.04
C VAL C 170 -3.73 -24.95 -30.19
N GLY C 171 -4.19 -26.20 -30.12
CA GLY C 171 -3.33 -27.35 -30.34
C GLY C 171 -2.80 -28.01 -29.08
N CYS C 172 -3.19 -27.54 -27.89
CA CYS C 172 -2.55 -28.03 -26.68
C CYS C 172 -2.94 -29.46 -26.37
N THR C 173 -4.17 -29.86 -26.70
CA THR C 173 -4.59 -31.22 -26.45
C THR C 173 -3.81 -32.23 -27.30
N ARG C 174 -3.06 -31.76 -28.30
CA ARG C 174 -2.15 -32.64 -29.02
C ARG C 174 -1.07 -33.18 -28.09
N ALA C 175 -0.59 -32.35 -27.17
CA ALA C 175 0.40 -32.77 -26.20
C ALA C 175 -0.24 -33.24 -24.90
N GLY C 176 -1.28 -32.54 -24.43
CA GLY C 176 -1.92 -32.89 -23.19
C GLY C 176 -2.29 -31.66 -22.38
N VAL C 177 -3.49 -31.65 -21.81
CA VAL C 177 -3.99 -30.51 -21.07
C VAL C 177 -4.36 -31.00 -19.67
N ILE C 178 -3.59 -30.56 -18.69
CA ILE C 178 -3.72 -31.05 -17.32
C ILE C 178 -4.72 -30.17 -16.58
N GLU C 179 -5.65 -30.80 -15.87
CA GLU C 179 -6.62 -30.06 -15.08
C GLU C 179 -5.97 -29.53 -13.80
N THR C 180 -6.34 -28.31 -13.44
CA THR C 180 -5.83 -27.66 -12.24
C THR C 180 -6.92 -26.73 -11.71
N THR C 181 -6.53 -25.82 -10.81
CA THR C 181 -7.40 -24.75 -10.35
C THR C 181 -6.70 -23.42 -10.57
N PHE C 182 -7.48 -22.35 -10.58
CA PHE C 182 -6.91 -21.01 -10.65
C PHE C 182 -5.94 -20.76 -9.51
N GLN C 183 -6.27 -21.24 -8.31
CA GLN C 183 -5.37 -21.07 -7.17
C GLN C 183 -4.07 -21.81 -7.37
N GLU C 184 -4.14 -23.09 -7.72
CA GLU C 184 -2.91 -23.87 -7.89
C GLU C 184 -2.06 -23.32 -9.03
N GLU C 185 -2.67 -22.95 -10.15
CA GLU C 185 -1.89 -22.42 -11.26
C GLU C 185 -1.19 -21.12 -10.88
N THR C 186 -1.93 -20.20 -10.26
CA THR C 186 -1.35 -18.91 -9.89
C THR C 186 -0.22 -19.08 -8.87
N GLU C 187 -0.44 -19.91 -7.85
CA GLU C 187 0.50 -19.93 -6.72
C GLU C 187 1.80 -20.62 -7.10
N THR C 188 1.73 -21.69 -7.88
CA THR C 188 2.96 -22.36 -8.33
C THR C 188 3.70 -21.51 -9.37
N ASP C 189 2.95 -20.82 -10.26
CA ASP C 189 3.60 -19.93 -11.22
C ASP C 189 4.41 -18.86 -10.50
N LEU C 190 3.83 -18.23 -9.47
CA LEU C 190 4.54 -17.18 -8.75
C LEU C 190 5.75 -17.75 -8.02
N PHE C 191 5.56 -18.88 -7.33
CA PHE C 191 6.63 -19.41 -6.50
C PHE C 191 7.82 -19.88 -7.34
N GLY C 192 7.56 -20.53 -8.48
CA GLY C 192 8.65 -21.07 -9.27
C GLY C 192 9.58 -19.98 -9.78
N GLU C 193 9.00 -18.87 -10.23
CA GLU C 193 9.84 -17.81 -10.77
C GLU C 193 10.54 -17.02 -9.66
N GLN C 194 9.88 -16.84 -8.52
CA GLN C 194 10.50 -16.10 -7.42
C GLN C 194 11.61 -16.93 -6.77
N ALA C 195 11.28 -18.14 -6.32
CA ALA C 195 12.21 -18.92 -5.51
C ALA C 195 13.25 -19.68 -6.33
N VAL C 196 12.93 -20.05 -7.58
CA VAL C 196 13.84 -20.89 -8.37
C VAL C 196 14.26 -20.21 -9.66
N LEU C 197 13.33 -20.08 -10.60
CA LEU C 197 13.69 -19.83 -12.00
C LEU C 197 14.40 -18.50 -12.18
N CYS C 198 13.84 -17.43 -11.62
CA CYS C 198 14.35 -16.10 -11.84
C CYS C 198 15.05 -15.54 -10.60
N GLY C 199 14.35 -15.42 -9.47
CA GLY C 199 15.00 -14.97 -8.25
C GLY C 199 16.17 -15.82 -7.81
N GLY C 200 15.93 -17.12 -7.57
CA GLY C 200 16.99 -17.97 -7.06
C GLY C 200 18.17 -18.11 -8.02
N VAL C 201 17.90 -18.40 -9.30
CA VAL C 201 19.00 -18.69 -10.21
C VAL C 201 19.85 -17.45 -10.46
N THR C 202 19.23 -16.29 -10.67
CA THR C 202 20.01 -15.08 -10.89
C THR C 202 20.84 -14.70 -9.66
N ALA C 203 20.24 -14.77 -8.46
CA ALA C 203 21.00 -14.54 -7.24
C ALA C 203 22.16 -15.50 -7.12
N LEU C 204 21.95 -16.76 -7.49
CA LEU C 204 23.01 -17.76 -7.47
C LEU C 204 24.14 -17.38 -8.40
N VAL C 205 23.79 -17.03 -9.65
CA VAL C 205 24.78 -16.64 -10.66
C VAL C 205 25.55 -15.40 -10.21
N LYS C 206 24.83 -14.38 -9.74
CA LYS C 206 25.50 -13.16 -9.28
C LYS C 206 26.41 -13.42 -8.08
N ALA C 207 25.97 -14.24 -7.12
CA ALA C 207 26.79 -14.52 -5.94
C ALA C 207 28.04 -15.30 -6.31
N GLY C 208 27.89 -16.31 -7.19
CA GLY C 208 29.06 -17.05 -7.66
C GLY C 208 30.04 -16.17 -8.43
N PHE C 209 29.50 -15.31 -9.29
CA PHE C 209 30.36 -14.39 -10.05
C PHE C 209 31.11 -13.44 -9.13
N GLU C 210 30.40 -12.84 -8.16
CA GLU C 210 31.05 -11.93 -7.22
C GLU C 210 32.09 -12.63 -6.36
N THR C 211 31.81 -13.87 -5.93
CA THR C 211 32.82 -14.65 -5.22
C THR C 211 34.10 -14.74 -6.05
N LEU C 212 33.96 -14.94 -7.36
CA LEU C 212 35.14 -15.11 -8.21
C LEU C 212 35.89 -13.81 -8.39
N THR C 213 35.17 -12.71 -8.66
CA THR C 213 35.84 -11.43 -8.89
C THR C 213 36.45 -10.89 -7.60
N GLU C 214 35.73 -10.96 -6.48
CA GLU C 214 36.33 -10.59 -5.20
C GLU C 214 37.50 -11.48 -4.86
N GLY C 215 37.53 -12.71 -5.38
CA GLY C 215 38.65 -13.60 -5.20
C GLY C 215 39.84 -13.31 -6.09
N GLY C 216 39.76 -12.30 -6.95
CA GLY C 216 40.88 -11.91 -7.79
C GLY C 216 40.95 -12.54 -9.17
N TYR C 217 39.90 -13.25 -9.61
CA TYR C 217 39.90 -13.86 -10.92
C TYR C 217 39.39 -12.86 -11.95
N ARG C 218 39.88 -12.99 -13.18
CA ARG C 218 39.44 -12.07 -14.21
C ARG C 218 37.94 -12.22 -14.44
N PRO C 219 37.19 -11.12 -14.53
CA PRO C 219 35.73 -11.24 -14.62
C PRO C 219 35.23 -11.91 -15.88
N GLU C 220 36.02 -11.91 -16.97
CA GLU C 220 35.57 -12.61 -18.17
C GLU C 220 35.55 -14.12 -17.96
N ILE C 221 36.57 -14.65 -17.27
CA ILE C 221 36.57 -16.08 -16.93
C ILE C 221 35.41 -16.41 -16.00
N ALA C 222 35.10 -15.48 -15.08
CA ALA C 222 33.97 -15.69 -14.18
C ALA C 222 32.65 -15.73 -14.95
N TYR C 223 32.52 -14.91 -16.00
CA TYR C 223 31.28 -14.94 -16.78
C TYR C 223 31.04 -16.32 -17.38
N PHE C 224 32.08 -16.92 -17.95
CA PHE C 224 31.93 -18.23 -18.58
C PHE C 224 31.52 -19.29 -17.57
N GLU C 225 32.08 -19.26 -16.37
CA GLU C 225 31.91 -20.37 -15.45
C GLU C 225 30.73 -20.20 -14.51
N CYS C 226 30.14 -19.02 -14.44
CA CYS C 226 28.98 -18.81 -13.61
C CYS C 226 27.70 -18.51 -14.38
N LEU C 227 27.78 -18.30 -15.70
CA LEU C 227 26.57 -17.96 -16.45
C LEU C 227 26.55 -18.63 -17.83
N HIS C 228 27.59 -18.41 -18.62
CA HIS C 228 27.58 -18.87 -20.01
C HIS C 228 27.37 -20.38 -20.08
N GLU C 229 28.08 -21.14 -19.25
CA GLU C 229 27.95 -22.59 -19.32
C GLU C 229 26.63 -23.09 -18.75
N LEU C 230 25.79 -22.21 -18.20
CA LEU C 230 24.55 -22.67 -17.60
C LEU C 230 23.60 -23.23 -18.65
N LYS C 231 23.59 -22.66 -19.86
CA LYS C 231 22.69 -23.13 -20.91
C LYS C 231 22.93 -24.61 -21.20
N LEU C 232 24.19 -25.03 -21.30
CA LEU C 232 24.50 -26.43 -21.50
C LEU C 232 23.89 -27.30 -20.41
N ILE C 233 24.00 -26.85 -19.16
CA ILE C 233 23.50 -27.64 -18.04
C ILE C 233 21.98 -27.71 -18.07
N VAL C 234 21.32 -26.58 -18.32
CA VAL C 234 19.86 -26.56 -18.27
C VAL C 234 19.26 -27.25 -19.50
N ASP C 235 19.92 -27.16 -20.66
CA ASP C 235 19.45 -27.91 -21.82
C ASP C 235 19.45 -29.42 -21.53
N LEU C 236 20.48 -29.91 -20.84
CA LEU C 236 20.52 -31.33 -20.50
C LEU C 236 19.37 -31.72 -19.55
N TYR C 238 16.46 -30.06 -19.15
CA TYR C 238 15.27 -29.90 -19.98
C TYR C 238 14.90 -31.17 -20.74
N GLU C 239 15.89 -31.91 -21.22
CA GLU C 239 15.63 -33.05 -22.11
C GLU C 239 15.57 -34.39 -21.39
N GLY C 240 16.31 -34.55 -20.30
CA GLY C 240 16.35 -35.83 -19.62
C GLY C 240 16.48 -35.75 -18.11
N GLY C 241 16.12 -34.60 -17.54
CA GLY C 241 16.14 -34.46 -16.09
C GLY C 241 17.55 -34.30 -15.56
N LEU C 242 17.64 -34.18 -14.23
CA LEU C 242 18.94 -34.14 -13.57
C LEU C 242 19.77 -35.38 -13.90
N THR C 243 19.11 -36.54 -14.02
CA THR C 243 19.82 -37.77 -14.35
C THR C 243 20.63 -37.65 -15.64
N ASN C 244 19.99 -37.15 -16.71
CA ASN C 244 20.72 -37.02 -17.97
C ASN C 244 21.82 -35.98 -17.87
N ARG C 246 23.60 -35.20 -15.10
CA ARG C 246 24.70 -35.79 -14.33
C ARG C 246 25.43 -36.87 -15.13
N HIS C 247 24.72 -37.58 -16.03
N HIS C 247 24.70 -37.60 -15.99
CA HIS C 247 25.39 -38.56 -16.86
CA HIS C 247 25.35 -38.57 -16.86
C HIS C 247 26.29 -37.90 -17.89
C HIS C 247 26.30 -37.87 -17.84
N SER C 248 25.86 -36.76 -18.44
CA SER C 248 26.59 -36.12 -19.54
C SER C 248 27.79 -35.30 -19.06
N ILE C 249 27.67 -34.60 -17.93
CA ILE C 249 28.83 -33.83 -17.47
C ILE C 249 29.92 -34.81 -17.05
N SER C 250 31.12 -34.31 -16.85
CA SER C 250 32.20 -35.18 -16.41
C SER C 250 31.92 -35.70 -15.01
N ASP C 251 32.61 -36.78 -14.65
CA ASP C 251 32.47 -37.35 -13.31
C ASP C 251 32.95 -36.37 -12.25
N THR C 252 34.06 -35.67 -12.51
CA THR C 252 34.56 -34.67 -11.57
C THR C 252 33.50 -33.61 -11.28
N ALA C 253 32.81 -33.13 -12.31
CA ALA C 253 31.75 -32.15 -12.12
C ALA C 253 30.55 -32.78 -11.44
N GLU C 254 30.23 -34.04 -11.75
CA GLU C 254 29.12 -34.70 -11.09
C GLU C 254 29.41 -34.90 -9.60
N PHE C 255 30.64 -35.30 -9.25
CA PHE C 255 30.99 -35.45 -7.86
C PHE C 255 30.92 -34.13 -7.11
N GLY C 256 31.45 -33.07 -7.71
CA GLY C 256 31.37 -31.75 -7.10
C GLY C 256 29.95 -31.27 -6.93
N ASP C 257 29.10 -31.53 -7.94
CA ASP C 257 27.65 -31.35 -7.81
C ASP C 257 27.15 -31.98 -6.51
N TYR C 258 27.43 -33.28 -6.35
CA TYR C 258 26.89 -34.05 -5.23
C TYR C 258 27.32 -33.47 -3.88
N VAL C 259 28.61 -33.13 -3.74
CA VAL C 259 29.12 -32.72 -2.43
C VAL C 259 29.00 -31.24 -2.17
N THR C 260 28.49 -30.44 -3.11
CA THR C 260 28.37 -28.99 -2.92
C THR C 260 26.95 -28.47 -2.87
N GLY C 261 26.02 -29.07 -3.61
CA GLY C 261 24.68 -28.49 -3.68
C GLY C 261 24.03 -28.31 -2.32
N SER C 262 24.16 -29.31 -1.46
CA SER C 262 23.62 -29.25 -0.11
C SER C 262 24.32 -28.25 0.79
N ARG C 263 25.51 -27.77 0.40
CA ARG C 263 26.16 -26.68 1.12
C ARG C 263 25.58 -25.33 0.74
N ILE C 264 25.14 -25.19 -0.50
CA ILE C 264 24.66 -23.93 -1.03
C ILE C 264 23.21 -23.69 -0.67
N VAL C 265 22.38 -24.72 -0.82
CA VAL C 265 20.94 -24.63 -0.57
C VAL C 265 20.68 -25.50 0.66
N THR C 266 20.53 -24.86 1.82
CA THR C 266 20.51 -25.54 3.10
C THR C 266 19.08 -25.74 3.57
N ASP C 267 18.95 -26.36 4.75
CA ASP C 267 17.67 -26.40 5.44
C ASP C 267 17.12 -25.01 5.65
N GLU C 268 18.00 -24.03 5.87
N GLU C 268 18.00 -24.03 5.91
CA GLU C 268 17.56 -22.66 6.05
CA GLU C 268 17.54 -22.66 6.05
C GLU C 268 17.04 -22.05 4.75
C GLU C 268 16.99 -22.12 4.73
N THR C 269 17.66 -22.40 3.62
CA THR C 269 17.14 -21.99 2.32
C THR C 269 15.74 -22.56 2.10
N LYS C 270 15.59 -23.86 2.37
CA LYS C 270 14.30 -24.52 2.23
C LYS C 270 13.25 -23.88 3.12
N LYS C 271 13.63 -23.50 4.34
CA LYS C 271 12.69 -22.82 5.23
C LYS C 271 12.27 -21.47 4.68
N GLU C 272 13.21 -20.70 4.12
CA GLU C 272 12.85 -19.43 3.52
C GLU C 272 11.98 -19.60 2.29
N LYS C 274 9.67 -21.81 1.96
CA LYS C 274 8.34 -22.00 2.50
C LYS C 274 7.73 -20.66 2.92
N ARG C 275 8.54 -19.77 3.49
CA ARG C 275 8.06 -18.41 3.77
C ARG C 275 7.62 -17.70 2.51
N VAL C 276 8.39 -17.85 1.43
CA VAL C 276 8.05 -17.22 0.15
C VAL C 276 6.74 -17.77 -0.37
N LEU C 277 6.56 -19.09 -0.28
CA LEU C 277 5.31 -19.71 -0.71
C LEU C 277 4.14 -19.24 0.14
N THR C 278 4.35 -19.13 1.46
CA THR C 278 3.28 -18.72 2.37
C THR C 278 2.80 -17.31 2.08
N GLU C 279 3.73 -16.40 1.77
CA GLU C 279 3.37 -15.03 1.41
C GLU C 279 2.67 -14.95 0.07
N ILE C 280 2.88 -15.92 -0.81
CA ILE C 280 2.09 -16.01 -2.04
C ILE C 280 0.68 -16.49 -1.72
N GLN C 281 0.58 -17.59 -0.97
CA GLN C 281 -0.71 -18.18 -0.65
C GLN C 281 -1.60 -17.19 0.11
N GLN C 282 -1.00 -16.35 0.94
CA GLN C 282 -1.77 -15.46 1.79
C GLN C 282 -2.11 -14.13 1.13
N GLY C 283 -1.78 -13.99 -0.17
CA GLY C 283 -2.01 -12.75 -0.89
C GLY C 283 -1.03 -11.64 -0.62
N GLU C 284 0.05 -11.88 0.13
N GLU C 284 0.03 -11.88 0.16
CA GLU C 284 0.94 -10.81 0.54
CA GLU C 284 0.93 -10.79 0.53
C GLU C 284 1.85 -10.37 -0.60
C GLU C 284 1.80 -10.35 -0.65
N PHE C 285 2.33 -11.31 -1.41
CA PHE C 285 3.08 -10.89 -2.60
C PHE C 285 2.16 -10.11 -3.53
N ALA C 286 0.91 -10.57 -3.70
CA ALA C 286 -0.03 -9.86 -4.55
C ALA C 286 -0.20 -8.41 -4.10
N LYS C 287 -0.43 -8.20 -2.80
CA LYS C 287 -0.59 -6.85 -2.28
C LYS C 287 0.66 -6.01 -2.51
N LYS C 288 1.84 -6.57 -2.23
CA LYS C 288 3.09 -5.87 -2.47
C LYS C 288 3.19 -5.39 -3.92
N TRP C 289 2.85 -6.27 -4.87
CA TRP C 289 2.92 -5.94 -6.29
C TRP C 289 1.83 -4.96 -6.71
N ILE C 290 0.60 -5.18 -6.26
CA ILE C 290 -0.48 -4.24 -6.57
C ILE C 290 -0.14 -2.85 -6.04
N LEU C 291 0.26 -2.76 -4.77
CA LEU C 291 0.62 -1.47 -4.20
C LEU C 291 1.87 -0.88 -4.86
N GLU C 292 2.81 -1.73 -5.26
CA GLU C 292 3.96 -1.25 -6.02
C GLU C 292 3.51 -0.49 -7.27
N ASN C 293 2.47 -0.99 -7.95
CA ASN C 293 2.02 -0.33 -9.17
C ASN C 293 1.26 0.95 -8.86
N GLN C 294 0.44 0.94 -7.81
CA GLN C 294 -0.27 2.15 -7.39
C GLN C 294 0.69 3.24 -6.95
N ALA C 295 1.90 2.90 -6.53
CA ALA C 295 2.86 3.91 -6.10
C ALA C 295 3.69 4.47 -7.25
N GLY C 296 3.50 3.99 -8.47
CA GLY C 296 4.34 4.40 -9.58
C GLY C 296 5.61 3.60 -9.73
N ARG C 297 5.64 2.39 -9.18
CA ARG C 297 6.75 1.45 -9.31
C ARG C 297 8.08 2.00 -8.77
N PRO C 298 8.12 2.56 -7.55
CA PRO C 298 9.38 3.16 -7.10
C PRO C 298 10.47 2.14 -6.80
N THR C 299 10.15 0.96 -6.29
CA THR C 299 11.20 -0.03 -6.07
C THR C 299 11.49 -0.86 -7.31
N TYR C 300 10.45 -1.21 -8.08
CA TYR C 300 10.66 -1.88 -9.36
C TYR C 300 11.68 -1.12 -10.21
N ASN C 301 11.43 0.18 -10.44
CA ASN C 301 12.32 0.96 -11.28
C ASN C 301 13.72 1.09 -10.66
N ALA C 302 13.78 1.42 -9.36
CA ALA C 302 15.07 1.57 -8.69
C ALA C 302 15.90 0.29 -8.81
N LYS C 304 15.44 -2.30 -10.91
CA LYS C 304 15.71 -2.60 -12.31
C LYS C 304 16.98 -1.91 -12.78
N LYS C 305 17.11 -0.61 -12.47
CA LYS C 305 18.28 0.16 -12.91
C LYS C 305 19.55 -0.34 -12.24
N ALA C 306 19.50 -0.61 -10.94
CA ALA C 306 20.69 -1.09 -10.24
C ALA C 306 21.15 -2.42 -10.83
N GLU C 307 20.21 -3.32 -11.13
CA GLU C 307 20.56 -4.64 -11.64
C GLU C 307 21.22 -4.54 -13.01
N GLN C 308 20.82 -3.56 -13.83
CA GLN C 308 21.42 -3.41 -15.14
C GLN C 308 22.88 -2.97 -15.08
N ASN C 309 23.30 -2.35 -13.97
CA ASN C 309 24.66 -1.84 -13.84
C ASN C 309 25.63 -2.86 -13.25
N HIS C 310 25.19 -4.07 -12.91
CA HIS C 310 26.09 -5.05 -12.32
C HIS C 310 27.26 -5.36 -13.25
N GLN C 311 28.41 -5.64 -12.64
CA GLN C 311 29.62 -5.98 -13.40
C GLN C 311 29.37 -7.17 -14.32
N LEU C 312 28.53 -8.12 -13.89
CA LEU C 312 28.19 -9.27 -14.71
C LEU C 312 27.68 -8.82 -16.09
N GLU C 313 26.87 -7.77 -16.11
CA GLU C 313 26.20 -7.33 -17.33
C GLU C 313 27.15 -6.60 -18.27
N LYS C 314 28.06 -5.77 -17.73
CA LYS C 314 29.04 -5.12 -18.56
C LYS C 314 29.99 -6.13 -19.20
N VAL C 315 30.50 -7.07 -18.40
CA VAL C 315 31.40 -8.09 -18.92
C VAL C 315 30.68 -8.98 -19.92
N GLY C 316 29.42 -9.31 -19.64
CA GLY C 316 28.70 -10.23 -20.50
C GLY C 316 28.45 -9.69 -21.89
N GLU C 317 28.07 -8.41 -21.99
CA GLU C 317 27.76 -7.84 -23.30
C GLU C 317 28.98 -7.88 -24.22
N GLU C 318 30.16 -7.55 -23.67
CA GLU C 318 31.36 -7.53 -24.51
C GLU C 318 31.82 -8.94 -24.85
N LEU C 319 31.58 -9.91 -23.98
CA LEU C 319 31.99 -11.27 -24.28
C LEU C 319 31.06 -11.93 -25.29
N ARG C 320 29.76 -11.60 -25.26
CA ARG C 320 28.84 -12.24 -26.20
C ARG C 320 29.11 -11.79 -27.64
N GLU C 321 29.73 -10.62 -27.83
CA GLU C 321 30.09 -10.20 -29.18
C GLU C 321 31.13 -11.14 -29.80
N SER C 324 29.90 -15.34 -32.51
CA SER C 324 29.06 -14.97 -33.64
C SER C 324 27.74 -15.72 -33.66
N TRP C 325 27.71 -16.95 -33.15
CA TRP C 325 26.54 -17.81 -33.24
C TRP C 325 25.47 -17.45 -32.21
N ILE C 326 25.73 -16.51 -31.31
CA ILE C 326 24.72 -15.97 -30.41
C ILE C 326 24.20 -14.68 -31.01
N HIS C 327 22.89 -14.60 -31.23
CA HIS C 327 22.23 -13.41 -31.76
C HIS C 327 21.41 -12.79 -30.63
N ALA C 328 21.86 -11.65 -30.12
CA ALA C 328 21.16 -10.97 -29.02
C ALA C 328 20.01 -10.11 -29.54
#